data_8DSH
#
_entry.id   8DSH
#
_cell.length_a   60.856
_cell.length_b   107.270
_cell.length_c   83.522
_cell.angle_alpha   90.000
_cell.angle_beta   96.780
_cell.angle_gamma   90.000
#
_symmetry.space_group_name_H-M   'P 1 21 1'
#
loop_
_entity.id
_entity.type
_entity.pdbx_description
1 polymer 'Nicotinamide phosphoribosyltransferase'
2 non-polymer 'PHOSPHOMETHYLPHOSPHONIC ACID ADENOSYL ESTER'
3 non-polymer '2-(3,4-dihydroxyphenyl)-5,7-dihydroxy-4-oxo-4H-chromen-3-yl 6-deoxy-alpha-L-mannopyranoside'
4 water water
#
_entity_poly.entity_id   1
_entity_poly.type   'polypeptide(L)'
_entity_poly.pdbx_seq_one_letter_code
;MNPAAEAEFNILLATDSYKVTHYKQYPPNTSKVYSYFECREKKTENSKLRKVKYEETVFYGLQYILNKYLKGKVVTKEKI
QEAKDVYKEHFQDDVFNEKGWNYILEKYDGHLPIEIKAVPEGFVIPRGNVLFTVENTDPECYWLTNWIETILVQSWYPIT
VATNSREQKKILAKYLLETSGNLDGLEYKLHDFGYRGVSSQETAGIGASAHLVNFKGTDTVAGLALIKKYYGTKDPVPGY
SVPAAEHSTITAWGKDHEKDAFEHIVTQFSSVPVSVVSDSYDIYNACEKIWGEDLRHLIVSRSTQAPLIIRPDSGNPLDT
VLKVLEILGKKFPVTENSKGYKLLPPYLRVIQGDGVDINTLQEIVEGMKQKMWSIENIAFGSGGGLLQKLTRDLLNCSFK
CSYVVTNGLGINVFKDPVADPNKRSKKGRLSLHRTPAGNFVTLEEGKGDLEEYGQDLLHTVFKNGKVTKSYSFDEIRKNA
QLNIELEAAHHLEHHHHHH
;
_entity_poly.pdbx_strand_id   A,B
#
loop_
_chem_comp.id
_chem_comp.type
_chem_comp.name
_chem_comp.formula
A12 non-polymer 'PHOSPHOMETHYLPHOSPHONIC ACID ADENOSYL ESTER' 'C11 H17 N5 O9 P2'
QCT non-polymer '2-(3,4-dihydroxyphenyl)-5,7-dihydroxy-4-oxo-4H-chromen-3-yl 6-deoxy-alpha-L-mannopyranoside' 'C21 H20 O11'
#
# COMPACT_ATOMS: atom_id res chain seq x y z
N GLU A 8 3.63 -16.54 -14.33
CA GLU A 8 4.97 -15.99 -14.44
C GLU A 8 4.93 -14.49 -14.68
N PHE A 9 5.69 -13.76 -13.90
CA PHE A 9 5.77 -12.32 -14.04
C PHE A 9 6.42 -11.97 -15.38
N ASN A 10 5.85 -11.02 -16.09
CA ASN A 10 6.39 -10.59 -17.36
C ASN A 10 6.86 -9.14 -17.30
N ILE A 11 8.16 -8.92 -17.42
CA ILE A 11 8.71 -7.58 -17.33
C ILE A 11 8.20 -6.66 -18.43
N LEU A 12 7.84 -7.23 -19.57
CA LEU A 12 7.28 -6.42 -20.66
C LEU A 12 5.89 -5.88 -20.32
N LEU A 13 5.25 -6.38 -19.27
CA LEU A 13 3.93 -5.91 -18.83
C LEU A 13 4.01 -5.19 -17.49
N ALA A 14 5.21 -4.86 -17.03
CA ALA A 14 5.42 -4.31 -15.69
C ALA A 14 5.92 -2.86 -15.77
N THR A 15 5.36 -2.08 -16.68
CA THR A 15 5.65 -0.67 -16.78
C THR A 15 4.35 0.10 -16.97
N ASP A 16 4.40 1.42 -16.74
CA ASP A 16 3.26 2.27 -17.07
C ASP A 16 3.00 2.15 -18.56
N SER A 17 1.72 2.00 -18.92
CA SER A 17 1.35 1.80 -20.33
C SER A 17 2.01 2.82 -21.26
N TYR A 18 2.01 4.10 -20.88
CA TYR A 18 2.46 5.08 -21.85
C TYR A 18 3.95 4.95 -22.18
N LYS A 19 4.75 4.36 -21.27
CA LYS A 19 6.16 4.10 -21.54
C LYS A 19 6.35 3.14 -22.69
N VAL A 20 5.32 2.35 -23.01
CA VAL A 20 5.36 1.46 -24.19
C VAL A 20 5.60 2.28 -25.47
N THR A 21 5.21 3.56 -25.48
CA THR A 21 5.31 4.40 -26.68
C THR A 21 6.55 5.31 -26.70
N HIS A 22 7.41 5.27 -25.67
CA HIS A 22 8.47 6.26 -25.56
C HIS A 22 9.64 6.02 -26.49
N TYR A 23 9.87 4.77 -26.93
CA TYR A 23 10.95 4.54 -27.88
C TYR A 23 10.79 5.38 -29.16
N LYS A 24 9.56 5.81 -29.50
CA LYS A 24 9.31 6.71 -30.62
C LYS A 24 9.41 8.19 -30.24
N GLN A 25 9.72 8.54 -28.99
CA GLN A 25 9.64 9.94 -28.59
C GLN A 25 10.99 10.57 -28.28
N TYR A 26 12.00 9.79 -27.91
CA TYR A 26 13.33 10.31 -27.67
C TYR A 26 13.89 10.94 -28.95
N PRO A 27 14.83 11.88 -28.83
CA PRO A 27 15.47 12.44 -30.03
C PRO A 27 16.04 11.33 -30.88
N PRO A 28 15.84 11.35 -32.20
CA PRO A 28 16.58 10.41 -33.06
C PRO A 28 18.08 10.45 -32.79
N ASN A 29 18.75 9.31 -33.04
CA ASN A 29 20.20 9.19 -32.91
C ASN A 29 20.63 9.31 -31.45
N THR A 30 19.76 8.88 -30.54
CA THR A 30 20.06 8.83 -29.11
C THR A 30 20.64 7.45 -28.78
N SER A 31 21.85 7.41 -28.24
CA SER A 31 22.50 6.14 -27.88
C SER A 31 22.54 5.85 -26.37
N LYS A 32 22.24 6.84 -25.52
CA LYS A 32 22.32 6.69 -24.08
C LYS A 32 21.26 7.55 -23.40
N VAL A 33 20.52 6.92 -22.50
CA VAL A 33 19.63 7.60 -21.57
C VAL A 33 20.08 7.21 -20.17
N TYR A 34 20.37 8.22 -19.34
CA TYR A 34 20.90 8.04 -17.99
C TYR A 34 20.00 8.78 -17.01
N SER A 35 19.54 8.06 -15.98
CA SER A 35 18.55 8.56 -15.04
C SER A 35 19.00 8.25 -13.61
N TYR A 36 18.40 8.95 -12.67
CA TYR A 36 18.78 8.82 -11.29
C TYR A 36 17.52 8.90 -10.41
N PHE A 37 17.68 8.41 -9.19
CA PHE A 37 16.65 8.40 -8.15
C PHE A 37 17.16 9.25 -7.00
N GLU A 38 16.35 10.19 -6.53
CA GLU A 38 16.62 10.88 -5.27
C GLU A 38 15.34 10.96 -4.42
N CYS A 39 15.54 11.36 -3.15
CA CYS A 39 14.48 11.80 -2.25
C CYS A 39 14.53 13.34 -2.17
N ARG A 40 13.82 14.01 -3.09
CA ARG A 40 14.04 15.44 -3.32
C ARG A 40 13.83 16.24 -2.04
N GLU A 41 14.59 17.33 -1.92
CA GLU A 41 14.38 18.31 -0.87
C GLU A 41 13.10 19.10 -1.09
N LYS A 42 12.57 19.68 0.00
CA LYS A 42 11.38 20.52 -0.10
C LYS A 42 11.60 21.99 0.30
N LYS A 53 11.46 18.02 8.31
CA LYS A 53 10.92 16.86 9.01
C LYS A 53 11.81 15.63 8.78
N TYR A 54 11.62 14.95 7.67
CA TYR A 54 12.42 13.77 7.32
C TYR A 54 13.71 14.17 6.59
N GLU A 55 14.67 14.69 7.33
CA GLU A 55 15.95 15.15 6.79
C GLU A 55 16.85 14.09 6.15
N GLU A 56 16.91 12.90 6.74
CA GLU A 56 17.75 11.83 6.22
C GLU A 56 16.96 10.55 5.96
N THR A 57 17.33 9.82 4.91
CA THR A 57 16.62 8.61 4.55
C THR A 57 17.49 7.34 4.54
N VAL A 58 16.87 6.22 4.92
CA VAL A 58 17.53 4.93 4.91
C VAL A 58 17.35 4.29 3.53
N PHE A 59 18.45 3.95 2.86
CA PHE A 59 18.37 3.36 1.54
C PHE A 59 18.21 1.84 1.70
N TYR A 60 17.02 1.33 1.40
CA TYR A 60 16.84 -0.11 1.59
C TYR A 60 15.82 -0.60 0.59
N GLY A 61 16.04 -1.78 0.02
CA GLY A 61 14.98 -2.43 -0.73
C GLY A 61 15.26 -2.69 -2.18
N LEU A 62 16.28 -2.04 -2.76
CA LEU A 62 16.57 -2.22 -4.19
C LEU A 62 17.02 -3.66 -4.49
N GLN A 63 17.77 -4.29 -3.57
CA GLN A 63 18.30 -5.64 -3.81
C GLN A 63 17.18 -6.65 -3.99
N TYR A 64 16.11 -6.54 -3.20
CA TYR A 64 14.91 -7.33 -3.44
C TYR A 64 14.43 -7.19 -4.88
N ILE A 65 14.28 -5.97 -5.35
CA ILE A 65 13.72 -5.75 -6.68
C ILE A 65 14.67 -6.28 -7.76
N LEU A 66 15.98 -6.05 -7.60
CA LEU A 66 16.94 -6.55 -8.58
C LEU A 66 16.87 -8.07 -8.73
N ASN A 67 16.79 -8.78 -7.62
CA ASN A 67 16.76 -10.25 -7.66
C ASN A 67 15.41 -10.78 -8.12
N LYS A 68 14.31 -10.22 -7.62
CA LYS A 68 13.00 -10.81 -7.92
C LYS A 68 12.55 -10.56 -9.36
N TYR A 69 12.88 -9.41 -9.94
CA TYR A 69 12.23 -8.97 -11.18
C TYR A 69 13.19 -8.63 -12.32
N LEU A 70 14.45 -8.28 -12.03
CA LEU A 70 15.31 -7.72 -13.06
C LEU A 70 16.43 -8.65 -13.53
N LYS A 71 16.88 -9.59 -12.70
CA LYS A 71 18.06 -10.38 -13.05
C LYS A 71 17.74 -11.61 -13.90
N GLY A 72 18.75 -12.07 -14.64
CA GLY A 72 18.62 -13.31 -15.39
C GLY A 72 17.87 -13.12 -16.70
N LYS A 73 17.37 -14.23 -17.22
CA LYS A 73 16.66 -14.21 -18.49
C LYS A 73 15.24 -13.75 -18.23
N VAL A 74 14.95 -12.48 -18.54
CA VAL A 74 13.64 -11.92 -18.25
C VAL A 74 12.80 -11.71 -19.51
N VAL A 75 13.37 -11.96 -20.69
CA VAL A 75 12.68 -11.88 -21.98
C VAL A 75 12.62 -13.28 -22.58
N THR A 76 11.43 -13.69 -23.02
CA THR A 76 11.26 -14.88 -23.85
C THR A 76 10.39 -14.56 -25.07
N LYS A 77 10.39 -15.48 -26.06
CA LYS A 77 9.54 -15.26 -27.22
C LYS A 77 8.07 -15.29 -26.82
N GLU A 78 7.72 -16.09 -25.80
CA GLU A 78 6.34 -16.11 -25.34
C GLU A 78 5.96 -14.78 -24.70
N LYS A 79 6.87 -14.21 -23.91
CA LYS A 79 6.57 -12.94 -23.23
C LYS A 79 6.42 -11.80 -24.22
N ILE A 80 7.27 -11.76 -25.24
CA ILE A 80 7.10 -10.77 -26.31
C ILE A 80 5.73 -10.92 -26.96
N GLN A 81 5.34 -12.15 -27.31
CA GLN A 81 4.05 -12.33 -28.00
C GLN A 81 2.88 -11.97 -27.09
N GLU A 82 2.92 -12.39 -25.82
CA GLU A 82 1.82 -12.04 -24.95
CA GLU A 82 1.87 -12.05 -24.86
C GLU A 82 1.74 -10.53 -24.75
N ALA A 83 2.87 -9.85 -24.56
CA ALA A 83 2.87 -8.40 -24.46
C ALA A 83 2.33 -7.75 -25.73
N LYS A 84 2.73 -8.27 -26.90
CA LYS A 84 2.25 -7.70 -28.15
C LYS A 84 0.74 -7.80 -28.25
N ASP A 85 0.17 -8.96 -27.88
CA ASP A 85 -1.29 -9.13 -27.90
C ASP A 85 -2.00 -8.24 -26.89
N VAL A 86 -1.48 -8.16 -25.65
CA VAL A 86 -2.12 -7.28 -24.67
C VAL A 86 -2.14 -5.84 -25.19
N TYR A 87 -0.99 -5.36 -25.60
CA TYR A 87 -0.88 -3.98 -26.04
C TYR A 87 -1.77 -3.61 -27.21
N LYS A 88 -1.93 -4.51 -28.14
CA LYS A 88 -2.78 -4.25 -29.26
C LYS A 88 -4.20 -3.96 -28.78
N GLU A 89 -4.73 -4.75 -27.88
CA GLU A 89 -6.04 -4.46 -27.32
C GLU A 89 -6.06 -3.24 -26.43
N HIS A 90 -5.05 -3.08 -25.59
CA HIS A 90 -4.98 -2.00 -24.63
C HIS A 90 -4.96 -0.63 -25.28
N PHE A 91 -4.12 -0.44 -26.27
CA PHE A 91 -4.06 0.84 -26.96
C PHE A 91 -4.96 0.96 -28.17
N GLN A 92 -5.51 -0.18 -28.62
CA GLN A 92 -6.31 -0.32 -29.86
C GLN A 92 -5.50 0.10 -31.09
N ASP A 93 -4.21 -0.18 -31.07
CA ASP A 93 -3.26 0.16 -32.11
C ASP A 93 -2.00 -0.67 -31.88
N ASP A 94 -1.16 -0.83 -32.90
CA ASP A 94 0.08 -1.56 -32.73
C ASP A 94 1.19 -0.55 -32.47
N VAL A 95 1.54 -0.38 -31.21
CA VAL A 95 2.57 0.55 -30.84
C VAL A 95 3.75 -0.09 -30.11
N PHE A 96 3.61 -1.34 -29.73
CA PHE A 96 4.64 -2.07 -29.00
C PHE A 96 5.96 -2.26 -29.76
N ASN A 97 7.09 -2.09 -29.06
CA ASN A 97 8.43 -2.24 -29.63
C ASN A 97 8.92 -3.69 -29.65
N GLU A 98 8.24 -4.51 -30.43
CA GLU A 98 8.60 -5.93 -30.56
C GLU A 98 10.03 -6.10 -31.04
N LYS A 99 10.45 -5.23 -31.97
CA LYS A 99 11.80 -5.31 -32.51
C LYS A 99 12.86 -5.03 -31.45
N GLY A 100 12.70 -3.99 -30.64
CA GLY A 100 13.69 -3.73 -29.61
C GLY A 100 13.78 -4.82 -28.56
N TRP A 101 12.63 -5.41 -28.21
CA TRP A 101 12.60 -6.47 -27.21
C TRP A 101 13.14 -7.77 -27.78
N ASN A 102 12.79 -8.07 -29.02
CA ASN A 102 13.38 -9.22 -29.70
C ASN A 102 14.90 -9.10 -29.80
N TYR A 103 15.40 -7.88 -29.97
CA TYR A 103 16.84 -7.68 -30.03
C TYR A 103 17.51 -8.07 -28.71
N ILE A 104 16.91 -7.69 -27.58
CA ILE A 104 17.47 -8.08 -26.30
C ILE A 104 17.47 -9.60 -26.15
N LEU A 105 16.35 -10.25 -26.50
CA LEU A 105 16.31 -11.72 -26.49
C LEU A 105 17.47 -12.32 -27.29
N GLU A 106 17.65 -11.87 -28.54
CA GLU A 106 18.55 -12.60 -29.42
C GLU A 106 20.01 -12.30 -29.11
N LYS A 107 20.33 -11.10 -28.67
CA LYS A 107 21.72 -10.73 -28.48
C LYS A 107 22.24 -11.08 -27.10
N TYR A 108 21.37 -11.11 -26.10
CA TYR A 108 21.82 -11.25 -24.71
C TYR A 108 21.08 -12.37 -24.00
N ASP A 109 20.45 -13.26 -24.74
CA ASP A 109 19.68 -14.32 -24.11
C ASP A 109 18.70 -13.74 -23.09
N GLY A 110 18.07 -12.62 -23.44
CA GLY A 110 17.00 -12.05 -22.65
C GLY A 110 17.42 -11.35 -21.37
N HIS A 111 18.73 -11.08 -21.21
CA HIS A 111 19.28 -10.37 -20.06
C HIS A 111 19.30 -8.88 -20.34
N LEU A 112 18.92 -8.08 -19.35
CA LEU A 112 18.77 -6.65 -19.56
C LEU A 112 20.12 -5.95 -19.66
N PRO A 113 20.43 -5.25 -20.82
CA PRO A 113 21.67 -4.45 -20.97
C PRO A 113 21.57 -3.09 -20.27
N ILE A 114 21.65 -3.15 -18.93
CA ILE A 114 21.43 -2.04 -18.02
C ILE A 114 22.53 -2.08 -16.97
N GLU A 115 22.98 -0.91 -16.54
CA GLU A 115 23.91 -0.83 -15.41
C GLU A 115 23.29 0.06 -14.35
N ILE A 116 23.22 -0.43 -13.12
CA ILE A 116 22.65 0.34 -12.01
C ILE A 116 23.74 0.47 -10.94
N LYS A 117 23.93 1.68 -10.44
CA LYS A 117 24.88 1.97 -9.36
C LYS A 117 24.11 2.58 -8.20
N ALA A 118 24.47 2.18 -6.98
CA ALA A 118 23.64 2.50 -5.83
C ALA A 118 24.52 2.67 -4.61
N VAL A 119 24.11 3.58 -3.73
CA VAL A 119 24.68 3.72 -2.40
C VAL A 119 24.45 2.38 -1.68
N PRO A 120 25.35 1.91 -0.80
CA PRO A 120 25.12 0.61 -0.14
C PRO A 120 23.83 0.62 0.70
N GLU A 121 23.18 -0.54 0.78
CA GLU A 121 21.91 -0.60 1.50
C GLU A 121 22.14 -0.36 2.99
N GLY A 122 21.18 0.32 3.63
CA GLY A 122 21.29 0.69 5.03
C GLY A 122 21.93 2.03 5.26
N PHE A 123 22.63 2.57 4.26
CA PHE A 123 23.22 3.91 4.37
C PHE A 123 22.14 4.94 4.64
N VAL A 124 22.47 5.93 5.47
CA VAL A 124 21.56 7.00 5.86
C VAL A 124 22.03 8.29 5.20
N ILE A 125 21.22 8.82 4.29
CA ILE A 125 21.66 9.86 3.36
C ILE A 125 20.75 11.06 3.49
N PRO A 126 21.27 12.27 3.62
CA PRO A 126 20.41 13.47 3.62
C PRO A 126 19.56 13.57 2.36
N ARG A 127 18.43 14.28 2.47
CA ARG A 127 17.57 14.52 1.32
C ARG A 127 18.31 15.21 0.19
N GLY A 128 17.86 14.96 -1.04
CA GLY A 128 18.37 15.68 -2.20
C GLY A 128 19.68 15.17 -2.75
N ASN A 129 19.99 13.90 -2.54
CA ASN A 129 21.22 13.27 -3.03
C ASN A 129 20.88 12.11 -3.93
N VAL A 130 21.69 11.91 -4.98
CA VAL A 130 21.54 10.71 -5.80
C VAL A 130 21.71 9.49 -4.90
N LEU A 131 20.74 8.58 -4.97
CA LEU A 131 20.78 7.29 -4.29
C LEU A 131 21.11 6.14 -5.25
N PHE A 132 20.60 6.18 -6.48
CA PHE A 132 21.06 5.25 -7.51
C PHE A 132 20.84 5.86 -8.89
N THR A 133 21.56 5.28 -9.88
CA THR A 133 21.57 5.73 -11.27
C THR A 133 21.38 4.50 -12.15
N VAL A 134 20.77 4.73 -13.31
CA VAL A 134 20.43 3.70 -14.26
C VAL A 134 20.84 4.20 -15.65
N GLU A 135 21.49 3.32 -16.43
CA GLU A 135 21.84 3.64 -17.81
C GLU A 135 21.85 2.36 -18.63
N ASN A 136 21.58 2.48 -19.91
CA ASN A 136 21.65 1.34 -20.82
C ASN A 136 23.11 1.13 -21.25
N THR A 137 23.52 -0.13 -21.37
CA THR A 137 24.89 -0.42 -21.78
C THR A 137 25.02 -0.77 -23.27
N ASP A 138 23.91 -0.78 -24.01
CA ASP A 138 23.93 -1.04 -25.45
C ASP A 138 23.17 0.09 -26.12
N PRO A 139 23.76 0.75 -27.13
CA PRO A 139 23.10 1.92 -27.73
C PRO A 139 21.74 1.62 -28.31
N GLU A 140 21.48 0.40 -28.80
CA GLU A 140 20.13 0.07 -29.27
C GLU A 140 19.08 0.15 -28.16
N CYS A 141 19.49 0.02 -26.89
CA CYS A 141 18.56 -0.10 -25.78
C CYS A 141 18.39 1.20 -25.01
N TYR A 142 18.48 2.33 -25.73
CA TYR A 142 18.40 3.64 -25.10
C TYR A 142 17.08 3.82 -24.37
N TRP A 143 16.02 3.16 -24.85
CA TRP A 143 14.64 3.24 -24.35
C TRP A 143 14.42 2.38 -23.11
N LEU A 144 15.36 1.50 -22.78
CA LEU A 144 15.15 0.55 -21.71
C LEU A 144 15.31 1.17 -20.33
N THR A 145 16.14 2.22 -20.22
CA THR A 145 16.46 2.82 -18.93
C THR A 145 15.20 3.26 -18.21
N ASN A 146 14.36 3.98 -18.95
CA ASN A 146 13.12 4.47 -18.37
C ASN A 146 11.95 3.50 -18.41
N TRP A 147 12.11 2.40 -19.14
CA TRP A 147 11.11 1.35 -19.18
C TRP A 147 10.96 0.74 -17.79
N ILE A 148 12.09 0.55 -17.13
CA ILE A 148 12.15 -0.06 -15.81
C ILE A 148 11.98 0.95 -14.68
N GLU A 149 11.69 2.21 -15.02
CA GLU A 149 11.52 3.22 -13.99
C GLU A 149 10.37 2.87 -13.05
N THR A 150 9.27 2.36 -13.59
CA THR A 150 8.12 2.06 -12.74
C THR A 150 8.49 1.02 -11.68
N ILE A 151 9.19 -0.03 -12.10
CA ILE A 151 9.62 -1.06 -11.18
C ILE A 151 10.63 -0.55 -10.16
N LEU A 152 11.60 0.21 -10.65
CA LEU A 152 12.67 0.79 -9.83
C LEU A 152 12.14 1.80 -8.84
N VAL A 153 11.14 2.58 -9.26
CA VAL A 153 10.50 3.61 -8.42
C VAL A 153 9.72 3.08 -7.21
N GLN A 154 9.36 1.79 -7.23
CA GLN A 154 8.65 1.05 -6.16
C GLN A 154 9.47 0.84 -4.86
N SER A 155 10.79 1.15 -4.90
CA SER A 155 11.75 1.14 -3.80
C SER A 155 11.47 2.23 -2.72
N TRP A 156 10.61 3.20 -3.04
CA TRP A 156 10.15 4.24 -2.13
C TRP A 156 9.45 3.58 -0.91
N TYR A 157 8.70 2.48 -1.08
CA TYR A 157 8.00 1.89 0.04
C TYR A 157 8.95 1.31 1.07
N PRO A 158 9.92 0.51 0.62
CA PRO A 158 10.89 0.12 1.68
C PRO A 158 11.77 1.27 2.17
N ILE A 159 12.16 2.22 1.31
CA ILE A 159 12.92 3.36 1.82
C ILE A 159 12.10 4.15 2.85
N THR A 160 10.84 4.42 2.53
CA THR A 160 10.00 5.26 3.40
C THR A 160 9.61 4.52 4.66
N VAL A 161 9.33 3.21 4.58
CA VAL A 161 9.05 2.48 5.83
C VAL A 161 10.29 2.42 6.71
N ALA A 162 11.45 2.10 6.12
CA ALA A 162 12.69 2.02 6.91
C ALA A 162 13.01 3.36 7.57
N THR A 163 12.80 4.46 6.85
CA THR A 163 13.07 5.80 7.35
C THR A 163 12.06 6.21 8.42
N ASN A 164 10.78 5.99 8.17
CA ASN A 164 9.79 6.42 9.14
C ASN A 164 9.94 5.62 10.43
N SER A 165 10.25 4.33 10.30
CA SER A 165 10.51 3.49 11.46
C SER A 165 11.74 3.99 12.25
N ARG A 166 12.84 4.26 11.54
CA ARG A 166 14.06 4.78 12.18
C ARG A 166 13.79 6.10 12.92
N GLU A 167 12.95 6.96 12.36
CA GLU A 167 12.66 8.21 13.06
C GLU A 167 11.93 7.94 14.38
N GLN A 168 11.06 6.92 14.42
CA GLN A 168 10.37 6.60 15.66
C GLN A 168 11.33 6.00 16.66
N LYS A 169 12.28 5.21 16.18
CA LYS A 169 13.34 4.72 17.07
C LYS A 169 14.12 5.88 17.69
N LYS A 170 14.33 6.98 16.95
CA LYS A 170 15.07 8.13 17.48
C LYS A 170 14.32 8.76 18.64
N ILE A 171 12.99 8.94 18.48
CA ILE A 171 12.13 9.42 19.56
C ILE A 171 12.19 8.47 20.76
N LEU A 172 12.00 7.17 20.51
CA LEU A 172 12.02 6.21 21.60
C LEU A 172 13.38 6.21 22.30
N ALA A 173 14.46 6.25 21.50
CA ALA A 173 15.82 6.28 22.07
C ALA A 173 16.00 7.48 22.98
N LYS A 174 15.68 8.66 22.48
CA LYS A 174 15.81 9.87 23.30
C LYS A 174 15.13 9.70 24.67
N TYR A 175 13.86 9.25 24.67
CA TYR A 175 13.07 9.24 25.89
C TYR A 175 13.45 8.06 26.81
N LEU A 176 13.83 6.92 26.23
CA LEU A 176 14.32 5.83 27.04
C LEU A 176 15.63 6.21 27.74
N LEU A 177 16.56 6.85 26.99
CA LEU A 177 17.80 7.28 27.62
C LEU A 177 17.51 8.28 28.72
N GLU A 178 16.59 9.20 28.48
CA GLU A 178 16.36 10.24 29.48
C GLU A 178 15.70 9.68 30.74
N THR A 179 14.77 8.72 30.63
CA THR A 179 14.04 8.28 31.81
C THR A 179 14.66 7.05 32.47
N SER A 180 15.56 6.34 31.79
CA SER A 180 16.18 5.17 32.38
C SER A 180 17.70 5.24 32.47
N GLY A 181 18.34 6.15 31.73
CA GLY A 181 19.80 6.21 31.67
C GLY A 181 20.45 5.22 30.73
N ASN A 182 19.69 4.49 29.92
CA ASN A 182 20.32 3.59 28.96
C ASN A 182 19.34 3.28 27.83
N LEU A 183 19.73 2.37 26.95
CA LEU A 183 18.92 2.03 25.79
C LEU A 183 18.48 0.57 25.81
N ASP A 184 18.50 -0.07 26.99
CA ASP A 184 18.19 -1.50 27.07
C ASP A 184 16.73 -1.73 26.66
N GLY A 185 16.52 -2.72 25.80
CA GLY A 185 15.19 -3.02 25.28
C GLY A 185 14.72 -2.16 24.11
N LEU A 186 15.53 -1.19 23.65
CA LEU A 186 15.10 -0.27 22.58
C LEU A 186 14.56 -1.01 21.36
N GLU A 187 15.23 -2.09 20.95
CA GLU A 187 14.87 -2.77 19.70
C GLU A 187 13.55 -3.56 19.78
N TYR A 188 12.90 -3.65 20.94
CA TYR A 188 11.62 -4.32 21.08
C TYR A 188 10.48 -3.36 21.42
N LYS A 189 10.71 -2.03 21.31
CA LYS A 189 9.77 -1.00 21.74
C LYS A 189 8.74 -0.58 20.67
N LEU A 190 8.94 -0.96 19.42
CA LEU A 190 7.99 -0.66 18.35
C LEU A 190 7.77 -1.97 17.60
N HIS A 191 6.61 -2.59 17.81
CA HIS A 191 6.32 -3.90 17.21
C HIS A 191 5.41 -3.72 16.00
N ASP A 192 5.71 -4.46 14.94
CA ASP A 192 4.96 -4.38 13.68
C ASP A 192 3.77 -5.33 13.71
N PHE A 193 2.56 -4.74 13.69
CA PHE A 193 1.31 -5.50 13.63
C PHE A 193 0.51 -5.18 12.37
N GLY A 194 1.17 -4.69 11.32
CA GLY A 194 0.47 -4.24 10.13
C GLY A 194 0.08 -5.28 9.11
N TYR A 195 0.27 -6.59 9.37
CA TYR A 195 -0.01 -7.58 8.31
C TYR A 195 -1.41 -7.37 7.69
N ARG A 196 -2.42 -7.19 8.54
CA ARG A 196 -3.79 -7.12 8.02
C ARG A 196 -4.13 -5.76 7.42
N GLY A 197 -3.39 -4.71 7.78
CA GLY A 197 -3.63 -3.33 7.41
C GLY A 197 -2.92 -2.87 6.15
N VAL A 198 -2.13 -3.73 5.50
CA VAL A 198 -1.48 -3.34 4.27
C VAL A 198 -2.32 -3.82 3.08
N SER A 199 -1.92 -3.42 1.88
CA SER A 199 -2.77 -3.61 0.73
C SER A 199 -2.57 -4.98 0.07
N SER A 200 -1.54 -5.75 0.44
CA SER A 200 -1.33 -7.06 -0.19
C SER A 200 -0.32 -7.90 0.56
N GLN A 201 -0.29 -9.19 0.20
CA GLN A 201 0.68 -10.11 0.77
C GLN A 201 2.12 -9.67 0.48
N GLU A 202 2.37 -9.22 -0.75
CA GLU A 202 3.71 -8.79 -1.13
C GLU A 202 4.12 -7.54 -0.37
N THR A 203 3.26 -6.53 -0.35
CA THR A 203 3.54 -5.35 0.48
C THR A 203 3.88 -5.74 1.91
N ALA A 204 3.10 -6.66 2.51
CA ALA A 204 3.34 -7.06 3.90
C ALA A 204 4.78 -7.55 4.10
N GLY A 205 5.26 -8.43 3.22
CA GLY A 205 6.62 -8.93 3.39
C GLY A 205 7.66 -7.83 3.23
N ILE A 206 7.49 -7.00 2.18
CA ILE A 206 8.45 -5.89 1.95
C ILE A 206 8.43 -4.91 3.13
N GLY A 207 7.24 -4.50 3.55
CA GLY A 207 7.15 -3.51 4.60
C GLY A 207 7.70 -4.02 5.92
N ALA A 208 7.41 -5.27 6.26
CA ALA A 208 7.88 -5.81 7.53
C ALA A 208 9.40 -5.91 7.54
N SER A 209 10.00 -6.24 6.39
CA SER A 209 11.46 -6.29 6.35
C SER A 209 12.09 -4.90 6.46
N ALA A 210 11.39 -3.83 6.01
CA ALA A 210 11.94 -2.49 6.17
C ALA A 210 11.92 -2.06 7.63
N HIS A 211 10.89 -2.46 8.36
CA HIS A 211 10.83 -2.17 9.80
C HIS A 211 11.94 -2.87 10.57
N LEU A 212 12.27 -4.13 10.22
CA LEU A 212 13.29 -4.90 10.92
C LEU A 212 14.70 -4.38 10.68
N VAL A 213 14.92 -3.48 9.73
CA VAL A 213 16.18 -2.77 9.66
C VAL A 213 16.46 -2.08 11.00
N ASN A 214 15.42 -1.63 11.70
CA ASN A 214 15.60 -0.85 12.92
C ASN A 214 15.19 -1.59 14.20
N PHE A 215 14.29 -2.57 14.12
CA PHE A 215 13.72 -3.20 15.32
C PHE A 215 13.75 -4.70 15.15
N LYS A 216 13.47 -5.43 16.22
CA LYS A 216 13.48 -6.88 16.16
C LYS A 216 12.10 -7.51 16.28
N GLY A 217 11.05 -6.73 16.56
CA GLY A 217 9.76 -7.31 16.81
C GLY A 217 8.75 -7.15 15.68
N THR A 218 8.25 -8.27 15.20
CA THR A 218 7.24 -8.26 14.15
C THR A 218 6.29 -9.45 14.31
N ASP A 219 5.03 -9.23 13.97
CA ASP A 219 4.04 -10.29 13.81
C ASP A 219 3.70 -10.53 12.35
N THR A 220 4.29 -9.77 11.43
CA THR A 220 4.12 -9.99 9.99
C THR A 220 5.14 -11.05 9.58
N VAL A 221 4.76 -12.32 9.73
CA VAL A 221 5.67 -13.43 9.42
C VAL A 221 6.28 -13.31 8.01
N ALA A 222 5.51 -12.82 7.03
CA ALA A 222 6.00 -12.75 5.64
C ALA A 222 7.37 -12.07 5.53
N GLY A 223 7.66 -11.07 6.38
CA GLY A 223 8.95 -10.39 6.27
C GLY A 223 10.14 -11.28 6.57
N LEU A 224 9.95 -12.33 7.36
CA LEU A 224 11.07 -13.19 7.74
C LEU A 224 11.62 -13.93 6.53
N ALA A 225 10.73 -14.49 5.70
CA ALA A 225 11.15 -15.26 4.55
C ALA A 225 11.80 -14.36 3.50
N LEU A 226 11.23 -13.17 3.27
CA LEU A 226 11.84 -12.23 2.34
C LEU A 226 13.30 -11.96 2.71
N ILE A 227 13.57 -11.70 4.01
CA ILE A 227 14.95 -11.42 4.42
C ILE A 227 15.85 -12.63 4.20
N LYS A 228 15.36 -13.81 4.56
CA LYS A 228 16.19 -15.00 4.38
C LYS A 228 16.54 -15.18 2.91
N LYS A 229 15.56 -15.03 2.02
CA LYS A 229 15.73 -15.32 0.60
C LYS A 229 16.56 -14.27 -0.12
N TYR A 230 16.43 -12.99 0.24
CA TYR A 230 17.03 -11.94 -0.57
C TYR A 230 18.20 -11.23 0.09
N TYR A 231 18.32 -11.31 1.41
CA TYR A 231 19.40 -10.64 2.11
C TYR A 231 20.26 -11.56 2.99
N GLY A 232 19.61 -12.27 3.90
CA GLY A 232 20.26 -13.22 4.78
C GLY A 232 20.77 -12.66 6.10
N THR A 233 20.72 -13.50 7.14
CA THR A 233 21.21 -13.12 8.46
C THR A 233 21.91 -14.28 9.15
N LYS A 234 22.86 -13.96 10.02
CA LYS A 234 23.59 -14.97 10.78
C LYS A 234 22.63 -15.73 11.69
N ASP A 235 21.72 -14.98 12.31
CA ASP A 235 20.72 -15.55 13.21
C ASP A 235 19.68 -16.35 12.43
N PRO A 236 19.01 -17.29 13.11
CA PRO A 236 18.01 -18.11 12.41
C PRO A 236 16.89 -17.24 11.86
N VAL A 237 16.44 -16.26 12.64
CA VAL A 237 15.40 -15.35 12.19
C VAL A 237 15.66 -13.90 12.56
N PRO A 238 15.30 -12.98 11.65
CA PRO A 238 15.40 -11.52 11.80
C PRO A 238 14.48 -10.94 12.89
N GLY A 239 13.27 -11.49 13.01
CA GLY A 239 12.30 -10.99 13.97
C GLY A 239 11.72 -12.01 14.94
N TYR A 240 11.25 -11.51 16.08
CA TYR A 240 10.71 -12.36 17.14
C TYR A 240 9.34 -11.90 17.65
N SER A 241 8.61 -12.82 18.27
CA SER A 241 7.29 -12.55 18.82
C SER A 241 6.96 -13.35 20.10
N VAL A 242 5.92 -12.92 20.83
CA VAL A 242 5.46 -13.59 22.04
C VAL A 242 3.97 -13.86 21.91
N PRO A 243 3.46 -14.84 22.68
CA PRO A 243 2.02 -15.07 22.70
C PRO A 243 1.24 -13.83 23.13
N ALA A 244 0.07 -13.64 22.53
CA ALA A 244 -0.76 -12.50 22.83
C ALA A 244 -2.20 -12.86 22.50
N ALA A 245 -3.14 -12.25 23.21
CA ALA A 245 -4.57 -12.43 22.98
C ALA A 245 -5.13 -11.37 22.02
N GLU A 246 -6.27 -11.69 21.41
CA GLU A 246 -7.09 -10.74 20.66
C GLU A 246 -8.50 -10.72 21.26
N HIS A 247 -9.33 -9.79 20.80
CA HIS A 247 -10.67 -9.71 21.37
C HIS A 247 -11.45 -10.99 21.21
N SER A 248 -11.23 -11.72 20.12
CA SER A 248 -12.00 -12.95 19.96
C SER A 248 -11.64 -13.99 21.02
N THR A 249 -10.36 -14.09 21.43
CA THR A 249 -10.03 -15.11 22.43
C THR A 249 -10.45 -14.70 23.84
N ILE A 250 -10.64 -13.41 24.11
CA ILE A 250 -11.23 -13.01 25.39
C ILE A 250 -12.77 -13.09 25.32
N THR A 251 -13.38 -12.44 24.31
CA THR A 251 -14.83 -12.33 24.29
C THR A 251 -15.52 -13.68 24.07
N ALA A 252 -14.82 -14.67 23.50
CA ALA A 252 -15.46 -15.96 23.27
C ALA A 252 -15.85 -16.65 24.58
N TRP A 253 -15.26 -16.24 25.71
CA TRP A 253 -15.65 -16.81 27.00
C TRP A 253 -17.00 -16.29 27.47
N GLY A 254 -17.52 -15.23 26.85
CA GLY A 254 -18.73 -14.57 27.26
C GLY A 254 -18.46 -13.37 28.16
N LYS A 255 -19.40 -12.41 28.14
CA LYS A 255 -19.16 -11.13 28.80
C LYS A 255 -18.91 -11.29 30.29
N ASP A 256 -19.56 -12.26 30.96
CA ASP A 256 -19.38 -12.42 32.40
C ASP A 256 -18.12 -13.17 32.79
N HIS A 257 -17.31 -13.64 31.84
CA HIS A 257 -16.21 -14.53 32.20
C HIS A 257 -14.86 -14.02 31.75
N GLU A 258 -14.74 -12.69 31.54
CA GLU A 258 -13.46 -12.09 31.21
C GLU A 258 -12.36 -12.60 32.13
N LYS A 259 -12.68 -12.74 33.43
CA LYS A 259 -11.65 -13.16 34.38
C LYS A 259 -11.21 -14.58 34.10
N ASP A 260 -12.14 -15.46 33.75
CA ASP A 260 -11.78 -16.84 33.40
C ASP A 260 -10.86 -16.85 32.18
N ALA A 261 -11.17 -16.04 31.17
CA ALA A 261 -10.31 -15.97 29.99
C ALA A 261 -8.91 -15.49 30.37
N PHE A 262 -8.81 -14.42 31.16
CA PHE A 262 -7.51 -13.89 31.55
C PHE A 262 -6.69 -14.97 32.27
N GLU A 263 -7.32 -15.60 33.28
CA GLU A 263 -6.64 -16.63 34.08
C GLU A 263 -6.23 -17.81 33.22
N HIS A 264 -7.11 -18.26 32.34
CA HIS A 264 -6.76 -19.36 31.45
C HIS A 264 -5.56 -19.01 30.59
N ILE A 265 -5.46 -17.75 30.13
CA ILE A 265 -4.41 -17.41 29.17
C ILE A 265 -3.06 -17.27 29.88
N VAL A 266 -3.00 -16.55 31.00
CA VAL A 266 -1.69 -16.40 31.65
C VAL A 266 -1.20 -17.75 32.18
N THR A 267 -2.11 -18.69 32.47
CA THR A 267 -1.69 -20.01 32.98
C THR A 267 -1.17 -20.90 31.86
N GLN A 268 -1.80 -20.80 30.68
CA GLN A 268 -1.28 -21.46 29.48
C GLN A 268 0.11 -20.94 29.10
N PHE A 269 0.40 -19.67 29.35
CA PHE A 269 1.70 -19.13 28.96
C PHE A 269 2.41 -18.63 30.20
N SER A 270 2.54 -19.49 31.21
CA SER A 270 3.11 -19.08 32.50
C SER A 270 4.62 -18.85 32.41
N SER A 271 5.29 -19.41 31.41
CA SER A 271 6.75 -19.41 31.32
C SER A 271 7.30 -18.50 30.25
N VAL A 272 6.46 -17.82 29.48
CA VAL A 272 6.98 -16.85 28.51
C VAL A 272 6.25 -15.54 28.71
N PRO A 273 6.73 -14.44 28.12
CA PRO A 273 5.94 -13.21 28.14
C PRO A 273 4.60 -13.47 27.47
N VAL A 274 3.55 -12.83 27.96
CA VAL A 274 2.23 -12.99 27.39
C VAL A 274 1.54 -11.64 27.43
N SER A 275 1.03 -11.20 26.27
CA SER A 275 0.31 -9.94 26.14
C SER A 275 -1.20 -10.20 26.14
N VAL A 276 -1.97 -9.43 26.91
CA VAL A 276 -3.38 -9.74 27.06
C VAL A 276 -4.21 -8.47 26.91
N VAL A 277 -4.99 -8.40 25.82
CA VAL A 277 -5.85 -7.26 25.55
C VAL A 277 -6.92 -7.20 26.63
N SER A 278 -7.13 -6.01 27.19
CA SER A 278 -7.85 -5.88 28.46
C SER A 278 -9.02 -4.92 28.38
N ASP A 279 -9.30 -4.38 27.19
CA ASP A 279 -10.30 -3.33 27.05
C ASP A 279 -11.57 -3.81 26.37
N SER A 280 -11.77 -5.14 26.27
CA SER A 280 -12.97 -5.70 25.65
C SER A 280 -14.24 -5.04 26.17
N TYR A 281 -14.33 -4.83 27.47
CA TYR A 281 -15.54 -4.25 28.05
C TYR A 281 -15.24 -3.01 28.86
N ASP A 282 -14.18 -3.06 29.69
CA ASP A 282 -13.86 -1.93 30.58
C ASP A 282 -12.41 -2.09 31.03
N ILE A 283 -11.51 -1.37 30.36
CA ILE A 283 -10.08 -1.51 30.58
C ILE A 283 -9.70 -1.13 32.00
N TYR A 284 -10.37 -0.10 32.56
CA TYR A 284 -10.02 0.37 33.89
C TYR A 284 -10.48 -0.61 34.97
N ASN A 285 -11.68 -1.17 34.82
CA ASN A 285 -12.11 -2.26 35.69
C ASN A 285 -11.15 -3.45 35.59
N ALA A 286 -10.73 -3.78 34.38
CA ALA A 286 -9.85 -4.96 34.23
C ALA A 286 -8.51 -4.76 34.96
N CYS A 287 -7.89 -3.57 34.87
CA CYS A 287 -6.61 -3.38 35.55
C CYS A 287 -6.77 -3.27 37.04
N GLU A 288 -7.82 -2.62 37.51
CA GLU A 288 -7.97 -2.37 38.94
C GLU A 288 -8.54 -3.58 39.67
N LYS A 289 -9.61 -4.18 39.14
CA LYS A 289 -10.28 -5.27 39.83
C LYS A 289 -9.80 -6.65 39.39
N ILE A 290 -9.64 -6.91 38.09
CA ILE A 290 -9.33 -8.26 37.67
C ILE A 290 -7.84 -8.54 37.80
N TRP A 291 -7.00 -7.78 37.07
CA TRP A 291 -5.57 -7.96 37.22
C TRP A 291 -5.10 -7.55 38.61
N GLY A 292 -5.67 -6.46 39.13
CA GLY A 292 -5.10 -5.86 40.33
C GLY A 292 -5.60 -6.43 41.64
N GLU A 293 -6.73 -7.17 41.63
CA GLU A 293 -7.21 -7.90 42.82
C GLU A 293 -7.48 -9.38 42.55
N ASP A 294 -8.47 -9.72 41.72
CA ASP A 294 -8.88 -11.13 41.56
C ASP A 294 -7.73 -12.00 41.09
N LEU A 295 -6.90 -11.53 40.15
CA LEU A 295 -5.83 -12.36 39.59
C LEU A 295 -4.44 -11.90 39.99
N ARG A 296 -4.34 -10.86 40.85
CA ARG A 296 -3.05 -10.34 41.28
C ARG A 296 -2.07 -11.45 41.67
N HIS A 297 -2.55 -12.52 42.32
CA HIS A 297 -1.64 -13.57 42.80
C HIS A 297 -0.96 -14.33 41.67
N LEU A 298 -1.57 -14.38 40.48
CA LEU A 298 -0.97 -15.05 39.33
C LEU A 298 -0.03 -14.14 38.57
N ILE A 299 0.02 -12.86 38.93
CA ILE A 299 0.89 -11.89 38.29
C ILE A 299 2.19 -11.72 39.07
N VAL A 300 2.09 -11.49 40.36
CA VAL A 300 3.28 -11.24 41.20
C VAL A 300 4.24 -12.43 41.26
N SER A 301 3.72 -13.61 41.02
CA SER A 301 4.49 -14.83 40.99
C SER A 301 5.20 -15.04 39.64
N ARG A 302 4.94 -14.21 38.65
CA ARG A 302 5.56 -14.38 37.36
C ARG A 302 7.05 -14.03 37.33
N SER A 303 7.79 -14.78 36.53
CA SER A 303 9.20 -14.56 36.37
C SER A 303 9.52 -13.27 35.63
N THR A 304 10.72 -12.74 35.88
CA THR A 304 11.20 -11.53 35.24
C THR A 304 11.33 -11.70 33.74
N GLN A 305 11.73 -12.90 33.31
CA GLN A 305 11.81 -13.25 31.91
C GLN A 305 10.44 -13.48 31.25
N ALA A 306 9.38 -13.66 32.04
CA ALA A 306 8.05 -13.90 31.49
C ALA A 306 6.95 -13.04 32.11
N PRO A 307 7.01 -11.72 31.90
CA PRO A 307 6.05 -10.75 32.43
C PRO A 307 4.69 -10.73 31.75
N LEU A 308 3.71 -10.16 32.44
CA LEU A 308 2.41 -9.99 31.86
C LEU A 308 2.43 -8.64 31.16
N ILE A 309 2.00 -8.60 29.91
CA ILE A 309 1.96 -7.34 29.18
C ILE A 309 0.47 -6.99 29.00
N ILE A 310 0.04 -5.96 29.72
CA ILE A 310 -1.35 -5.52 29.63
C ILE A 310 -1.51 -4.63 28.40
N ARG A 311 -2.53 -4.90 27.60
CA ARG A 311 -2.75 -4.10 26.40
C ARG A 311 -4.12 -3.44 26.31
N PRO A 312 -4.11 -2.10 26.30
CA PRO A 312 -5.32 -1.29 26.12
C PRO A 312 -5.47 -1.03 24.62
N ASP A 313 -6.66 -1.20 24.08
CA ASP A 313 -6.88 -0.99 22.66
C ASP A 313 -7.89 0.09 22.28
N SER A 314 -8.25 0.96 23.21
CA SER A 314 -9.24 2.00 22.91
C SER A 314 -9.13 3.29 23.73
N GLY A 315 -9.82 4.33 23.26
CA GLY A 315 -9.82 5.62 23.92
C GLY A 315 -8.65 6.47 23.47
N ASN A 316 -8.49 7.64 24.08
CA ASN A 316 -7.37 8.50 23.72
C ASN A 316 -6.11 7.73 24.08
N PRO A 317 -5.14 7.67 23.15
CA PRO A 317 -3.95 6.88 23.46
C PRO A 317 -3.13 7.37 24.65
N LEU A 318 -2.88 8.66 24.74
CA LEU A 318 -2.13 9.18 25.88
C LEU A 318 -2.87 9.08 27.21
N ASP A 319 -4.14 9.45 27.21
CA ASP A 319 -4.94 9.43 28.43
C ASP A 319 -5.13 8.02 28.98
N THR A 320 -5.39 7.07 28.08
CA THR A 320 -5.59 5.69 28.49
C THR A 320 -4.33 5.09 29.09
N VAL A 321 -3.18 5.37 28.46
CA VAL A 321 -1.91 4.85 28.94
C VAL A 321 -1.60 5.39 30.33
N LEU A 322 -1.86 6.67 30.55
CA LEU A 322 -1.57 7.27 31.86
C LEU A 322 -2.53 6.73 32.93
N LYS A 323 -3.83 6.65 32.63
CA LYS A 323 -4.77 6.12 33.61
C LYS A 323 -4.50 4.64 33.88
N VAL A 324 -4.12 3.86 32.88
CA VAL A 324 -3.76 2.47 33.13
C VAL A 324 -2.56 2.38 34.08
N LEU A 325 -1.53 3.20 33.83
CA LEU A 325 -0.32 3.22 34.66
C LEU A 325 -0.62 3.67 36.09
N GLU A 326 -1.52 4.66 36.25
CA GLU A 326 -1.90 5.12 37.59
CA GLU A 326 -1.84 5.10 37.61
C GLU A 326 -2.64 4.02 38.35
N ILE A 327 -3.53 3.32 37.66
CA ILE A 327 -4.22 2.18 38.26
C ILE A 327 -3.21 1.14 38.71
N LEU A 328 -2.31 0.74 37.80
CA LEU A 328 -1.36 -0.31 38.16
C LEU A 328 -0.38 0.14 39.25
N GLY A 329 -0.03 1.42 39.29
CA GLY A 329 0.90 1.89 40.30
C GLY A 329 0.32 1.82 41.70
N LYS A 330 -0.99 1.92 41.80
CA LYS A 330 -1.73 1.80 43.05
C LYS A 330 -2.02 0.35 43.52
N LYS A 331 -1.93 -0.63 42.62
CA LYS A 331 -2.15 -2.03 42.97
C LYS A 331 -0.89 -2.87 43.01
N PHE A 332 0.21 -2.38 42.48
CA PHE A 332 1.42 -3.17 42.41
C PHE A 332 2.54 -2.31 42.96
N PRO A 333 3.60 -2.92 43.50
CA PRO A 333 4.73 -2.15 44.05
C PRO A 333 5.50 -1.43 42.96
N VAL A 334 5.53 -0.12 43.04
CA VAL A 334 6.29 0.70 42.10
C VAL A 334 7.62 1.06 42.74
N THR A 335 8.67 1.07 41.95
CA THR A 335 9.96 1.57 42.45
C THR A 335 10.30 2.85 41.69
N GLU A 336 11.37 3.51 42.13
CA GLU A 336 11.87 4.71 41.50
C GLU A 336 13.28 4.43 41.04
N ASN A 337 13.55 4.60 39.74
CA ASN A 337 14.86 4.29 39.20
C ASN A 337 15.83 5.44 39.47
N SER A 338 17.08 5.26 39.07
CA SER A 338 18.09 6.24 39.48
C SER A 338 17.91 7.57 38.76
N LYS A 339 17.12 7.62 37.71
CA LYS A 339 16.85 8.93 37.12
C LYS A 339 15.65 9.58 37.78
N GLY A 340 15.04 8.90 38.76
CA GLY A 340 13.88 9.40 39.45
C GLY A 340 12.53 9.17 38.79
N TYR A 341 12.41 8.25 37.82
CA TYR A 341 11.12 7.94 37.20
C TYR A 341 10.55 6.64 37.76
N LYS A 342 9.22 6.52 37.71
CA LYS A 342 8.57 5.36 38.28
C LYS A 342 8.67 4.15 37.37
N LEU A 343 8.83 2.97 37.99
CA LEU A 343 9.04 1.71 37.28
C LEU A 343 8.16 0.62 37.90
N LEU A 344 7.35 -0.04 37.05
CA LEU A 344 6.55 -1.18 37.44
C LEU A 344 7.44 -2.37 37.85
N PRO A 345 6.93 -3.30 38.67
CA PRO A 345 7.69 -4.51 38.97
C PRO A 345 8.03 -5.26 37.71
N PRO A 346 9.10 -6.06 37.70
CA PRO A 346 9.57 -6.63 36.43
C PRO A 346 8.64 -7.69 35.84
N TYR A 347 7.64 -8.17 36.57
CA TYR A 347 6.68 -9.12 36.01
C TYR A 347 5.52 -8.43 35.29
N LEU A 348 5.56 -7.10 35.09
CA LEU A 348 4.39 -6.36 34.60
C LEU A 348 4.80 -5.24 33.64
N ARG A 349 4.26 -5.26 32.41
CA ARG A 349 4.53 -4.20 31.42
C ARG A 349 3.24 -3.79 30.72
N VAL A 350 3.31 -2.73 29.92
CA VAL A 350 2.19 -2.23 29.13
C VAL A 350 2.60 -2.10 27.67
N ILE A 351 1.66 -2.38 26.75
CA ILE A 351 1.88 -2.16 25.33
C ILE A 351 0.66 -1.44 24.78
N GLN A 352 0.90 -0.40 24.01
CA GLN A 352 -0.13 0.46 23.46
C GLN A 352 -0.07 0.25 21.96
N GLY A 353 -1.11 -0.38 21.41
CA GLY A 353 -1.04 -0.71 20.01
C GLY A 353 -2.15 -0.12 19.19
N ASP A 354 -2.77 0.95 19.66
CA ASP A 354 -3.94 1.52 19.03
C ASP A 354 -3.68 2.98 18.74
N GLY A 355 -3.97 3.40 17.51
CA GLY A 355 -3.73 4.78 17.12
C GLY A 355 -2.28 5.24 17.23
N VAL A 356 -1.31 4.35 17.05
CA VAL A 356 0.10 4.74 17.15
C VAL A 356 0.65 5.00 15.76
N ASP A 357 1.13 6.23 15.55
CA ASP A 357 1.98 6.55 14.40
C ASP A 357 3.10 7.44 14.92
N ILE A 358 3.90 8.03 14.02
CA ILE A 358 5.05 8.74 14.56
C ILE A 358 4.60 9.97 15.37
N ASN A 359 3.49 10.61 15.01
CA ASN A 359 3.05 11.79 15.76
C ASN A 359 2.57 11.41 17.16
N THR A 360 1.69 10.41 17.27
CA THR A 360 1.15 10.13 18.58
C THR A 360 2.17 9.41 19.46
N LEU A 361 3.09 8.61 18.87
CA LEU A 361 4.18 8.03 19.65
C LEU A 361 4.92 9.09 20.45
N GLN A 362 5.22 10.22 19.82
CA GLN A 362 5.90 11.33 20.47
C GLN A 362 5.02 11.99 21.55
N GLU A 363 3.72 12.14 21.30
CA GLU A 363 2.84 12.71 22.33
C GLU A 363 2.80 11.82 23.56
N ILE A 364 2.83 10.49 23.37
CA ILE A 364 2.68 9.57 24.48
C ILE A 364 3.93 9.55 25.35
N VAL A 365 5.11 9.32 24.76
CA VAL A 365 6.29 9.22 25.61
C VAL A 365 6.57 10.55 26.31
N GLU A 366 6.29 11.68 25.63
CA GLU A 366 6.40 12.97 26.31
C GLU A 366 5.38 13.07 27.45
N GLY A 367 4.18 12.52 27.23
CA GLY A 367 3.18 12.53 28.27
C GLY A 367 3.62 11.70 29.46
N MET A 368 4.15 10.49 29.19
CA MET A 368 4.68 9.66 30.24
C MET A 368 5.76 10.39 31.04
N LYS A 369 6.71 11.02 30.35
CA LYS A 369 7.82 11.67 31.03
C LYS A 369 7.32 12.78 31.95
N GLN A 370 6.40 13.60 31.46
CA GLN A 370 5.84 14.66 32.28
C GLN A 370 5.21 14.11 33.56
N LYS A 371 4.64 12.90 33.51
CA LYS A 371 4.05 12.30 34.70
C LYS A 371 5.03 11.40 35.44
N MET A 372 6.33 11.46 35.10
CA MET A 372 7.40 10.79 35.86
C MET A 372 7.36 9.27 35.71
N TRP A 373 6.84 8.76 34.58
CA TRP A 373 6.85 7.35 34.26
C TRP A 373 7.99 7.02 33.27
N SER A 374 8.80 6.05 33.61
CA SER A 374 9.90 5.65 32.75
C SER A 374 9.36 5.03 31.46
N ILE A 375 10.04 5.29 30.35
CA ILE A 375 9.72 4.59 29.10
C ILE A 375 10.08 3.11 29.15
N GLU A 376 10.81 2.66 30.20
CA GLU A 376 10.98 1.22 30.43
C GLU A 376 9.64 0.48 30.50
N ASN A 377 8.60 1.15 31.00
CA ASN A 377 7.34 0.48 31.31
C ASN A 377 6.51 0.11 30.10
N ILE A 378 6.81 0.63 28.91
CA ILE A 378 5.86 0.59 27.82
C ILE A 378 6.56 0.19 26.53
N ALA A 379 5.82 -0.51 25.67
CA ALA A 379 6.16 -0.72 24.26
C ALA A 379 4.95 -0.31 23.40
N PHE A 380 5.19 -0.21 22.09
CA PHE A 380 4.19 0.26 21.15
C PHE A 380 4.00 -0.75 20.04
N GLY A 381 2.75 -0.94 19.66
CA GLY A 381 2.40 -1.69 18.47
C GLY A 381 1.86 -0.71 17.46
N SER A 382 2.21 -0.91 16.19
CA SER A 382 1.72 -0.04 15.13
C SER A 382 1.50 -0.91 13.92
N GLY A 383 0.38 -0.70 13.24
CA GLY A 383 0.03 -1.47 12.06
C GLY A 383 -0.03 -0.63 10.81
N GLY A 384 -1.17 -0.02 10.57
CA GLY A 384 -1.38 0.84 9.44
C GLY A 384 -0.46 2.06 9.47
N GLY A 385 -0.20 2.56 10.65
CA GLY A 385 0.68 3.69 10.82
C GLY A 385 2.09 3.35 10.40
N LEU A 386 2.54 2.16 10.76
CA LEU A 386 3.84 1.67 10.37
C LEU A 386 4.04 1.31 8.88
N LEU A 387 3.11 0.54 8.34
CA LEU A 387 3.22 0.06 6.97
C LEU A 387 2.29 0.57 5.87
N GLN A 388 1.13 1.12 6.21
CA GLN A 388 0.20 1.56 5.17
C GLN A 388 0.02 3.07 4.99
N LYS A 389 0.14 3.83 6.05
CA LYS A 389 -0.06 5.29 5.96
C LYS A 389 1.20 6.06 5.55
N LEU A 390 1.71 5.74 4.36
CA LEU A 390 2.89 6.38 3.82
C LEU A 390 2.71 6.49 2.30
N THR A 391 3.23 7.55 1.71
CA THR A 391 3.13 7.78 0.28
C THR A 391 4.46 8.26 -0.27
N ARG A 392 4.62 8.16 -1.58
CA ARG A 392 5.81 8.62 -2.24
C ARG A 392 6.02 10.12 -2.05
N ASP A 393 4.98 10.86 -1.68
CA ASP A 393 5.11 12.29 -1.37
C ASP A 393 5.93 12.55 -0.11
N LEU A 394 5.97 11.61 0.80
CA LEU A 394 6.60 11.85 2.06
C LEU A 394 8.07 12.21 1.95
N LEU A 395 8.85 11.53 1.14
CA LEU A 395 10.23 11.90 0.93
C LEU A 395 10.50 12.43 -0.49
N ASN A 396 9.43 12.65 -1.25
CA ASN A 396 9.51 13.11 -2.62
C ASN A 396 10.42 12.24 -3.49
N CYS A 397 10.24 10.93 -3.40
CA CYS A 397 11.01 9.97 -4.15
C CYS A 397 10.69 10.09 -5.64
N SER A 398 11.72 10.36 -6.41
CA SER A 398 11.67 10.65 -7.82
C SER A 398 12.81 10.04 -8.68
N PHE A 399 12.49 9.71 -9.91
CA PHE A 399 13.36 9.16 -10.91
C PHE A 399 13.26 10.08 -12.11
N LYS A 400 14.36 10.66 -12.51
CA LYS A 400 14.40 11.57 -13.63
C LYS A 400 15.63 11.36 -14.53
N CYS A 401 15.51 11.70 -15.80
CA CYS A 401 16.62 11.59 -16.70
C CYS A 401 17.54 12.80 -16.55
N SER A 402 18.83 12.57 -16.36
CA SER A 402 19.77 13.71 -16.20
C SER A 402 20.82 13.83 -17.31
N TYR A 403 20.93 12.85 -18.22
CA TYR A 403 22.02 12.86 -19.19
C TYR A 403 21.63 11.98 -20.37
N VAL A 404 21.84 12.48 -21.60
CA VAL A 404 21.59 11.71 -22.83
C VAL A 404 22.75 11.92 -23.76
N VAL A 405 23.05 10.92 -24.57
CA VAL A 405 24.00 11.07 -25.68
C VAL A 405 23.20 10.93 -26.98
N THR A 406 23.35 11.94 -27.84
CA THR A 406 22.58 12.08 -29.08
C THR A 406 23.57 12.58 -30.13
N ASN A 407 23.68 11.83 -31.24
CA ASN A 407 24.69 12.08 -32.25
C ASN A 407 26.09 12.11 -31.66
N GLY A 408 26.35 11.24 -30.68
CA GLY A 408 27.67 11.14 -30.08
C GLY A 408 28.04 12.21 -29.08
N LEU A 409 27.19 13.23 -28.87
CA LEU A 409 27.48 14.28 -27.90
C LEU A 409 26.65 14.03 -26.63
N GLY A 410 27.30 14.13 -25.47
CA GLY A 410 26.56 14.10 -24.21
C GLY A 410 25.90 15.45 -23.98
N ILE A 411 24.64 15.43 -23.52
CA ILE A 411 24.05 16.69 -23.06
C ILE A 411 23.42 16.51 -21.68
N ASN A 412 23.51 17.58 -20.89
CA ASN A 412 22.94 17.57 -19.55
C ASN A 412 21.45 17.91 -19.66
N VAL A 413 20.61 17.12 -19.00
CA VAL A 413 19.18 17.09 -19.21
C VAL A 413 18.49 17.26 -17.85
N PHE A 414 17.41 18.04 -17.82
CA PHE A 414 16.77 18.35 -16.54
C PHE A 414 15.39 18.95 -16.82
N LYS A 415 14.59 19.01 -15.77
CA LYS A 415 13.26 19.62 -15.81
C LYS A 415 13.28 20.79 -14.81
N ASP A 416 12.79 21.96 -15.21
CA ASP A 416 12.76 23.13 -14.34
C ASP A 416 11.42 23.87 -14.41
N PRO A 417 10.36 23.31 -13.81
CA PRO A 417 9.06 24.00 -13.91
C PRO A 417 9.06 25.38 -13.29
N VAL A 418 8.53 26.36 -14.02
CA VAL A 418 8.47 27.73 -13.51
C VAL A 418 7.60 27.85 -12.27
N ALA A 419 6.48 27.12 -12.26
CA ALA A 419 5.55 27.17 -11.13
C ALA A 419 6.14 26.69 -9.81
N ASP A 420 6.89 25.59 -9.84
CA ASP A 420 7.48 25.06 -8.61
C ASP A 420 9.00 24.93 -8.68
N PRO A 421 9.69 25.60 -7.74
CA PRO A 421 11.15 25.59 -7.61
C PRO A 421 11.71 24.21 -7.22
N ASN A 422 11.02 23.53 -6.33
CA ASN A 422 11.45 22.23 -5.83
C ASN A 422 11.54 21.10 -6.86
N LYS A 423 10.56 21.02 -7.77
CA LYS A 423 10.58 19.97 -8.78
C LYS A 423 11.79 19.95 -9.72
N ARG A 424 12.61 20.98 -9.70
CA ARG A 424 13.78 21.01 -10.57
C ARG A 424 14.66 19.78 -10.32
N SER A 425 15.15 19.21 -11.41
CA SER A 425 15.98 17.99 -11.39
C SER A 425 17.48 18.27 -11.60
N LYS A 426 18.31 17.29 -11.24
CA LYS A 426 19.77 17.44 -11.36
C LYS A 426 20.21 17.27 -12.84
N LYS A 427 21.35 17.86 -13.16
CA LYS A 427 21.89 17.85 -14.52
C LYS A 427 23.15 17.03 -14.71
N GLY A 428 23.16 16.24 -15.79
CA GLY A 428 24.31 15.44 -16.17
C GLY A 428 24.62 14.19 -15.37
N ARG A 429 25.83 13.68 -15.56
CA ARG A 429 26.29 12.50 -14.86
C ARG A 429 26.48 12.88 -13.40
N LEU A 430 26.14 11.97 -12.49
CA LEU A 430 26.21 12.27 -11.08
C LEU A 430 27.04 11.29 -10.26
N SER A 431 27.53 11.79 -9.13
CA SER A 431 28.30 10.99 -8.19
C SER A 431 28.01 11.47 -6.77
N LEU A 432 28.09 10.55 -5.81
CA LEU A 432 27.83 10.80 -4.42
C LEU A 432 29.15 10.75 -3.63
N HIS A 433 29.41 11.81 -2.87
CA HIS A 433 30.65 11.93 -2.13
C HIS A 433 30.54 12.43 -0.71
N ARG A 434 31.55 12.10 0.08
CA ARG A 434 31.60 12.59 1.42
C ARG A 434 32.39 13.87 1.40
N THR A 435 31.86 14.86 2.07
CA THR A 435 32.48 16.17 2.19
C THR A 435 33.57 16.14 3.26
N PRO A 436 34.39 17.18 3.33
CA PRO A 436 35.48 17.32 4.30
C PRO A 436 34.98 17.28 5.73
N ALA A 437 33.80 17.84 5.99
CA ALA A 437 33.21 17.84 7.32
C ALA A 437 32.41 16.57 7.67
N GLY A 438 32.42 15.58 6.79
CA GLY A 438 31.73 14.33 7.03
C GLY A 438 30.29 14.23 6.57
N ASN A 439 29.84 15.22 5.82
CA ASN A 439 28.49 15.25 5.27
C ASN A 439 28.45 14.62 3.88
N PHE A 440 27.39 14.85 3.14
CA PHE A 440 27.27 14.28 1.81
C PHE A 440 27.05 15.35 0.76
N VAL A 441 27.53 15.07 -0.45
CA VAL A 441 27.33 15.94 -1.59
C VAL A 441 27.14 15.13 -2.88
N THR A 442 26.23 15.58 -3.74
CA THR A 442 26.02 14.96 -5.02
C THR A 442 26.58 15.91 -6.07
N LEU A 443 27.57 15.44 -6.82
CA LEU A 443 28.20 16.23 -7.85
C LEU A 443 27.48 16.08 -9.18
N GLU A 444 27.21 17.21 -9.81
CA GLU A 444 26.52 17.22 -11.08
C GLU A 444 27.51 17.41 -12.25
N GLU A 445 26.99 17.13 -13.45
CA GLU A 445 27.62 17.54 -14.71
C GLU A 445 28.95 16.82 -14.92
N GLY A 446 29.09 15.61 -14.37
CA GLY A 446 30.31 14.85 -14.48
C GLY A 446 31.47 15.32 -13.63
N LYS A 447 31.29 16.39 -12.84
CA LYS A 447 32.36 16.93 -12.01
C LYS A 447 32.95 15.94 -11.00
N GLY A 448 32.36 14.77 -10.77
CA GLY A 448 33.03 13.81 -9.89
C GLY A 448 34.34 13.27 -10.48
N ASP A 449 34.48 13.33 -11.80
CA ASP A 449 35.70 12.88 -12.48
C ASP A 449 36.90 13.77 -12.15
N LEU A 450 36.68 15.03 -11.78
CA LEU A 450 37.76 15.88 -11.31
C LEU A 450 38.44 15.32 -10.06
N GLU A 451 37.82 14.39 -9.35
CA GLU A 451 38.42 13.74 -8.18
C GLU A 451 38.85 14.73 -7.10
N GLU A 452 38.08 15.79 -6.89
CA GLU A 452 38.35 16.70 -5.77
C GLU A 452 37.69 16.23 -4.49
N TYR A 453 36.92 15.15 -4.53
CA TYR A 453 36.06 14.79 -3.42
C TYR A 453 36.16 13.31 -3.05
N GLY A 454 37.28 12.66 -3.35
CA GLY A 454 37.39 11.28 -2.95
C GLY A 454 36.42 10.38 -3.72
N GLN A 455 36.27 9.16 -3.21
CA GLN A 455 35.66 8.12 -4.02
C GLN A 455 34.13 8.22 -4.06
N ASP A 456 33.59 8.02 -5.25
CA ASP A 456 32.15 7.93 -5.41
C ASP A 456 31.58 6.80 -4.53
N LEU A 457 30.58 7.14 -3.71
CA LEU A 457 29.97 6.08 -2.88
C LEU A 457 28.94 5.21 -3.61
N LEU A 458 28.57 5.52 -4.86
CA LEU A 458 27.75 4.62 -5.67
C LEU A 458 28.60 3.47 -6.18
N HIS A 459 28.10 2.26 -6.05
CA HIS A 459 28.75 1.07 -6.61
C HIS A 459 27.82 0.40 -7.61
N THR A 460 28.40 -0.24 -8.63
CA THR A 460 27.61 -1.08 -9.53
C THR A 460 27.02 -2.24 -8.73
N VAL A 461 25.68 -2.28 -8.68
CA VAL A 461 24.97 -3.41 -8.07
C VAL A 461 24.30 -4.28 -9.11
N PHE A 462 24.16 -3.81 -10.35
CA PHE A 462 23.57 -4.61 -11.41
C PHE A 462 24.18 -4.20 -12.74
N LYS A 463 24.54 -5.21 -13.55
CA LYS A 463 25.04 -4.94 -14.90
C LYS A 463 24.71 -6.13 -15.79
N ASN A 464 23.99 -5.87 -16.89
CA ASN A 464 23.73 -6.86 -17.96
C ASN A 464 23.14 -8.16 -17.43
N GLY A 465 22.08 -8.03 -16.60
CA GLY A 465 21.35 -9.18 -16.10
C GLY A 465 21.90 -9.81 -14.85
N LYS A 466 23.05 -9.36 -14.34
CA LYS A 466 23.66 -9.94 -13.16
C LYS A 466 23.68 -8.96 -11.99
N VAL A 467 23.35 -9.46 -10.80
CA VAL A 467 23.54 -8.74 -9.54
C VAL A 467 25.02 -8.81 -9.16
N THR A 468 25.67 -7.66 -9.12
CA THR A 468 27.13 -7.65 -9.09
C THR A 468 27.69 -7.34 -7.70
N LYS A 469 26.85 -6.83 -6.80
CA LYS A 469 27.21 -6.59 -5.41
C LYS A 469 25.96 -6.71 -4.57
N SER A 470 26.02 -7.52 -3.51
CA SER A 470 24.93 -7.73 -2.56
C SER A 470 25.35 -7.39 -1.14
N TYR A 471 24.35 -7.03 -0.33
CA TYR A 471 24.55 -6.76 1.08
C TYR A 471 23.73 -7.73 1.90
N SER A 472 24.30 -8.16 3.03
CA SER A 472 23.51 -9.00 3.92
C SER A 472 22.63 -8.13 4.82
N PHE A 473 21.56 -8.73 5.37
CA PHE A 473 20.71 -7.97 6.27
C PHE A 473 21.48 -7.47 7.50
N ASP A 474 22.51 -8.20 7.93
CA ASP A 474 23.31 -7.77 9.08
C ASP A 474 24.09 -6.49 8.79
N GLU A 475 24.72 -6.37 7.60
CA GLU A 475 25.40 -5.12 7.28
C GLU A 475 24.43 -3.97 7.18
N ILE A 476 23.26 -4.23 6.57
CA ILE A 476 22.27 -3.17 6.41
C ILE A 476 21.87 -2.62 7.78
N ARG A 477 21.68 -3.51 8.77
CA ARG A 477 21.29 -3.09 10.11
C ARG A 477 22.38 -2.23 10.74
N LYS A 478 23.63 -2.69 10.64
CA LYS A 478 24.76 -1.86 11.07
C LYS A 478 24.78 -0.52 10.36
N ASN A 479 24.58 -0.50 9.03
CA ASN A 479 24.65 0.79 8.33
C ASN A 479 23.63 1.79 8.86
N ALA A 480 22.44 1.30 9.26
CA ALA A 480 21.28 2.12 9.61
C ALA A 480 21.23 2.53 11.07
N GLN A 481 22.23 2.16 11.89
CA GLN A 481 22.20 2.44 13.32
C GLN A 481 22.04 3.95 13.60
N LEU A 482 21.52 4.26 14.77
CA LEU A 482 21.47 5.65 15.17
C LEU A 482 22.82 6.08 15.73
N ASN A 483 23.05 7.37 15.78
CA ASN A 483 24.26 7.90 16.37
C ASN A 483 24.23 7.65 17.87
N ILE A 484 23.04 7.73 18.46
CA ILE A 484 22.90 7.51 19.90
C ILE A 484 23.36 6.10 20.28
N GLU A 485 23.02 5.11 19.47
CA GLU A 485 23.50 3.75 19.67
C GLU A 485 25.02 3.73 19.47
N LEU A 486 25.50 4.44 18.46
CA LEU A 486 26.95 4.48 18.17
C LEU A 486 27.72 5.10 19.34
N GLU A 487 27.19 6.18 19.90
CA GLU A 487 27.84 6.84 21.02
C GLU A 487 27.62 6.06 22.30
N GLU B 8 7.00 -20.89 -2.77
CA GLU B 8 5.56 -20.94 -2.95
C GLU B 8 4.84 -20.37 -1.73
N PHE B 9 3.66 -19.81 -1.95
CA PHE B 9 2.88 -19.24 -0.86
C PHE B 9 2.48 -20.32 0.14
N ASN B 10 2.62 -20.01 1.43
CA ASN B 10 2.25 -20.93 2.47
C ASN B 10 1.23 -20.28 3.40
N ILE B 11 0.05 -20.88 3.49
CA ILE B 11 -1.04 -20.35 4.33
C ILE B 11 -0.71 -20.34 5.82
N LEU B 12 0.09 -21.31 6.25
CA LEU B 12 0.53 -21.44 7.64
C LEU B 12 1.35 -20.22 8.09
N LEU B 13 2.14 -19.67 7.18
CA LEU B 13 2.96 -18.49 7.44
C LEU B 13 2.26 -17.19 7.02
N ALA B 14 0.98 -17.26 6.67
CA ALA B 14 0.23 -16.09 6.23
C ALA B 14 -0.80 -15.50 7.22
N THR B 15 -0.45 -15.49 8.50
CA THR B 15 -1.25 -14.94 9.57
C THR B 15 -0.38 -14.11 10.52
N ASP B 16 -1.01 -13.28 11.33
CA ASP B 16 -0.25 -12.59 12.37
C ASP B 16 0.33 -13.62 13.33
N SER B 17 1.57 -13.39 13.74
CA SER B 17 2.29 -14.34 14.61
C SER B 17 1.45 -14.80 15.80
N TYR B 18 0.88 -13.86 16.54
CA TYR B 18 0.21 -14.26 17.78
C TYR B 18 -0.98 -15.18 17.53
N LYS B 19 -1.56 -15.17 16.32
CA LYS B 19 -2.65 -16.10 16.04
C LYS B 19 -2.21 -17.56 16.10
N VAL B 20 -0.91 -17.83 15.96
CA VAL B 20 -0.36 -19.18 16.08
C VAL B 20 -0.71 -19.78 17.44
N THR B 21 -0.83 -18.93 18.47
CA THR B 21 -1.01 -19.35 19.86
C THR B 21 -2.46 -19.37 20.32
N HIS B 22 -3.41 -18.98 19.46
CA HIS B 22 -4.79 -18.79 19.86
C HIS B 22 -5.54 -20.10 20.08
N TYR B 23 -5.15 -21.19 19.38
CA TYR B 23 -5.87 -22.44 19.62
C TYR B 23 -5.82 -22.84 21.09
N LYS B 24 -4.87 -22.32 21.86
CA LYS B 24 -4.75 -22.57 23.30
C LYS B 24 -5.47 -21.53 24.15
N GLN B 25 -6.17 -20.56 23.56
CA GLN B 25 -6.75 -19.47 24.35
C GLN B 25 -8.27 -19.47 24.37
N TYR B 26 -8.92 -20.16 23.42
CA TYR B 26 -10.38 -20.26 23.39
C TYR B 26 -10.83 -21.12 24.56
N PRO B 27 -12.09 -20.98 24.99
CA PRO B 27 -12.58 -21.86 26.06
C PRO B 27 -12.55 -23.30 25.60
N PRO B 28 -12.14 -24.22 26.49
CA PRO B 28 -12.15 -25.67 26.18
C PRO B 28 -13.49 -26.16 25.64
N ASN B 29 -13.43 -27.13 24.72
CA ASN B 29 -14.65 -27.73 24.15
C ASN B 29 -15.44 -26.71 23.32
N THR B 30 -14.74 -25.88 22.58
CA THR B 30 -15.33 -24.99 21.60
C THR B 30 -15.39 -25.73 20.27
N SER B 31 -16.57 -25.75 19.65
CA SER B 31 -16.72 -26.49 18.40
C SER B 31 -16.97 -25.60 17.19
N LYS B 32 -17.37 -24.34 17.43
CA LYS B 32 -17.63 -23.39 16.36
C LYS B 32 -17.12 -22.02 16.77
N VAL B 33 -16.33 -21.39 15.88
CA VAL B 33 -16.04 -19.97 15.93
C VAL B 33 -16.60 -19.33 14.65
N TYR B 34 -17.37 -18.26 14.82
CA TYR B 34 -18.09 -17.58 13.75
C TYR B 34 -17.77 -16.09 13.83
N SER B 35 -17.33 -15.53 12.70
CA SER B 35 -16.85 -14.15 12.63
C SER B 35 -17.35 -13.47 11.36
N TYR B 36 -17.39 -12.13 11.41
CA TYR B 36 -17.94 -11.34 10.32
C TYR B 36 -17.04 -10.14 10.07
N PHE B 37 -17.21 -9.56 8.88
CA PHE B 37 -16.50 -8.38 8.40
C PHE B 37 -17.52 -7.28 8.14
N GLU B 38 -17.24 -6.08 8.64
CA GLU B 38 -18.02 -4.90 8.30
C GLU B 38 -17.12 -3.70 8.09
N CYS B 39 -17.64 -2.67 7.42
CA CYS B 39 -17.06 -1.33 7.42
C CYS B 39 -17.81 -0.53 8.49
N ARG B 40 -17.29 -0.58 9.73
CA ARG B 40 -17.98 -0.01 10.89
C ARG B 40 -18.40 1.44 10.64
N GLU B 41 -19.55 1.81 11.22
CA GLU B 41 -19.99 3.21 11.26
C GLU B 41 -19.12 4.05 12.18
N LYS B 42 -19.01 5.34 11.87
CA LYS B 42 -18.35 6.26 12.80
C LYS B 42 -19.07 7.61 12.79
N LYS B 53 -18.56 11.16 5.16
CA LYS B 53 -18.33 11.35 3.73
C LYS B 53 -18.25 10.05 2.93
N TYR B 54 -18.16 8.91 3.61
CA TYR B 54 -18.10 7.64 2.89
C TYR B 54 -19.19 6.74 3.46
N GLU B 55 -20.42 7.13 3.14
CA GLU B 55 -21.63 6.46 3.60
C GLU B 55 -21.85 5.03 3.11
N GLU B 56 -21.48 4.74 1.87
CA GLU B 56 -21.68 3.43 1.28
C GLU B 56 -20.39 2.87 0.67
N THR B 57 -20.21 1.56 0.67
CA THR B 57 -18.97 0.96 0.21
C THR B 57 -19.28 -0.02 -0.90
N VAL B 58 -18.40 -0.07 -1.91
CA VAL B 58 -18.45 -1.12 -2.94
C VAL B 58 -17.79 -2.38 -2.37
N PHE B 59 -18.52 -3.51 -2.35
CA PHE B 59 -17.92 -4.77 -1.93
C PHE B 59 -17.24 -5.40 -3.15
N TYR B 60 -15.90 -5.32 -3.17
CA TYR B 60 -15.10 -5.82 -4.28
C TYR B 60 -13.82 -6.44 -3.74
N GLY B 61 -13.47 -7.65 -4.18
CA GLY B 61 -12.11 -8.11 -3.94
C GLY B 61 -11.91 -9.45 -3.29
N LEU B 62 -12.96 -9.95 -2.62
CA LEU B 62 -12.87 -11.21 -1.90
C LEU B 62 -12.57 -12.38 -2.86
N GLN B 63 -13.19 -12.38 -4.04
CA GLN B 63 -13.06 -13.48 -4.99
C GLN B 63 -11.60 -13.70 -5.41
N TYR B 64 -10.82 -12.62 -5.57
CA TYR B 64 -9.36 -12.73 -5.77
C TYR B 64 -8.69 -13.55 -4.67
N ILE B 65 -8.92 -13.16 -3.41
CA ILE B 65 -8.30 -13.82 -2.25
C ILE B 65 -8.71 -15.29 -2.15
N LEU B 66 -10.01 -15.58 -2.32
CA LEU B 66 -10.49 -16.96 -2.26
C LEU B 66 -9.77 -17.85 -3.26
N ASN B 67 -9.61 -17.36 -4.49
CA ASN B 67 -8.98 -18.14 -5.56
C ASN B 67 -7.47 -18.21 -5.42
N LYS B 68 -6.83 -17.09 -5.10
CA LYS B 68 -5.38 -17.08 -5.13
C LYS B 68 -4.78 -17.76 -3.91
N TYR B 69 -5.38 -17.57 -2.74
CA TYR B 69 -4.80 -18.01 -1.48
C TYR B 69 -5.57 -19.10 -0.75
N LEU B 70 -6.90 -19.15 -0.83
CA LEU B 70 -7.66 -20.02 0.09
C LEU B 70 -8.14 -21.33 -0.51
N LYS B 71 -8.34 -21.44 -1.82
CA LYS B 71 -9.01 -22.63 -2.38
C LYS B 71 -8.04 -23.76 -2.68
N GLY B 72 -8.57 -25.00 -2.70
CA GLY B 72 -7.83 -26.16 -3.13
C GLY B 72 -6.93 -26.71 -2.02
N LYS B 73 -5.90 -27.43 -2.43
CA LYS B 73 -5.02 -28.09 -1.46
C LYS B 73 -4.01 -27.10 -0.94
N VAL B 74 -4.26 -26.48 0.22
CA VAL B 74 -3.36 -25.42 0.67
C VAL B 74 -2.43 -25.86 1.79
N VAL B 75 -2.54 -27.11 2.23
CA VAL B 75 -1.73 -27.65 3.33
C VAL B 75 -0.94 -28.82 2.76
N THR B 76 0.36 -28.85 3.06
CA THR B 76 1.15 -30.02 2.70
C THR B 76 2.03 -30.47 3.86
N LYS B 77 2.62 -31.67 3.73
CA LYS B 77 3.58 -32.13 4.73
C LYS B 77 4.73 -31.15 4.88
N GLU B 78 5.25 -30.64 3.76
CA GLU B 78 6.42 -29.75 3.80
C GLU B 78 6.03 -28.34 4.25
N LYS B 79 4.83 -27.86 3.87
CA LYS B 79 4.36 -26.59 4.40
C LYS B 79 4.22 -26.65 5.92
N ILE B 80 3.76 -27.79 6.45
CA ILE B 80 3.69 -27.94 7.91
C ILE B 80 5.09 -27.91 8.50
N GLN B 81 6.00 -28.73 7.95
CA GLN B 81 7.39 -28.76 8.44
C GLN B 81 8.03 -27.37 8.38
N GLU B 82 7.98 -26.71 7.21
CA GLU B 82 8.51 -25.35 7.05
C GLU B 82 7.98 -24.43 8.14
N ALA B 83 6.67 -24.50 8.40
CA ALA B 83 6.05 -23.62 9.40
C ALA B 83 6.50 -23.97 10.82
N LYS B 84 6.59 -25.26 11.13
CA LYS B 84 7.05 -25.67 12.44
C LYS B 84 8.43 -25.09 12.74
N ASP B 85 9.31 -25.11 11.73
CA ASP B 85 10.68 -24.64 11.93
C ASP B 85 10.75 -23.13 12.09
N VAL B 86 10.00 -22.37 11.27
CA VAL B 86 10.01 -20.91 11.41
C VAL B 86 9.53 -20.52 12.80
N TYR B 87 8.35 -21.03 13.20
CA TYR B 87 7.76 -20.60 14.46
C TYR B 87 8.63 -20.96 15.68
N LYS B 88 9.37 -22.08 15.62
CA LYS B 88 10.20 -22.40 16.79
C LYS B 88 11.28 -21.34 17.02
N GLU B 89 11.88 -20.82 15.95
CA GLU B 89 12.86 -19.74 16.09
C GLU B 89 12.19 -18.39 16.33
N HIS B 90 11.04 -18.16 15.67
CA HIS B 90 10.35 -16.89 15.80
C HIS B 90 9.88 -16.68 17.24
N PHE B 91 9.27 -17.68 17.84
CA PHE B 91 8.81 -17.51 19.21
C PHE B 91 9.84 -17.94 20.24
N GLN B 92 10.90 -18.62 19.80
CA GLN B 92 11.93 -19.24 20.67
C GLN B 92 11.25 -20.24 21.63
N ASP B 93 10.29 -21.00 21.10
CA ASP B 93 9.48 -21.96 21.81
C ASP B 93 8.71 -22.76 20.78
N ASP B 94 8.09 -23.83 21.22
CA ASP B 94 7.31 -24.69 20.36
C ASP B 94 5.87 -24.45 20.71
N VAL B 95 5.17 -23.68 19.91
CA VAL B 95 3.77 -23.38 20.19
C VAL B 95 2.86 -23.70 19.01
N PHE B 96 3.46 -24.04 17.89
CA PHE B 96 2.73 -24.32 16.67
C PHE B 96 1.78 -25.51 16.79
N ASN B 97 0.57 -25.36 16.30
CA ASN B 97 -0.43 -26.40 16.37
C ASN B 97 -0.23 -27.39 15.23
N GLU B 98 0.87 -28.08 15.30
CA GLU B 98 1.21 -29.05 14.25
C GLU B 98 0.12 -30.09 14.05
N LYS B 99 -0.49 -30.58 15.13
CA LYS B 99 -1.48 -31.65 14.96
C LYS B 99 -2.81 -31.15 14.39
N GLY B 100 -3.21 -29.91 14.71
CA GLY B 100 -4.39 -29.35 14.07
C GLY B 100 -4.24 -29.26 12.55
N TRP B 101 -3.11 -28.70 12.09
CA TRP B 101 -2.83 -28.61 10.65
C TRP B 101 -2.69 -29.99 10.02
N ASN B 102 -2.10 -30.95 10.75
CA ASN B 102 -2.00 -32.31 10.25
C ASN B 102 -3.38 -32.95 10.05
N TYR B 103 -4.34 -32.63 10.94
CA TYR B 103 -5.69 -33.17 10.82
C TYR B 103 -6.35 -32.73 9.51
N ILE B 104 -6.21 -31.45 9.15
CA ILE B 104 -6.74 -30.91 7.90
C ILE B 104 -6.07 -31.57 6.71
N LEU B 105 -4.75 -31.72 6.75
CA LEU B 105 -4.06 -32.48 5.72
C LEU B 105 -4.66 -33.88 5.57
N GLU B 106 -4.72 -34.63 6.67
CA GLU B 106 -5.12 -36.04 6.60
C GLU B 106 -6.62 -36.20 6.34
N LYS B 107 -7.47 -35.38 6.96
CA LYS B 107 -8.88 -35.64 6.78
C LYS B 107 -9.43 -35.01 5.51
N TYR B 108 -8.94 -33.85 5.08
CA TYR B 108 -9.57 -33.15 3.97
C TYR B 108 -8.65 -32.99 2.76
N ASP B 109 -7.55 -33.73 2.71
CA ASP B 109 -6.56 -33.56 1.65
C ASP B 109 -6.15 -32.10 1.53
N GLY B 110 -5.94 -31.46 2.69
CA GLY B 110 -5.40 -30.12 2.73
C GLY B 110 -6.33 -29.00 2.33
N HIS B 111 -7.65 -29.25 2.24
CA HIS B 111 -8.67 -28.25 1.95
C HIS B 111 -9.26 -27.68 3.23
N LEU B 112 -9.51 -26.39 3.24
CA LEU B 112 -9.93 -25.72 4.47
C LEU B 112 -11.39 -26.03 4.80
N PRO B 113 -11.70 -26.59 5.98
CA PRO B 113 -13.10 -26.80 6.43
C PRO B 113 -13.68 -25.51 6.99
N ILE B 114 -13.97 -24.63 6.05
CA ILE B 114 -14.43 -23.26 6.28
C ILE B 114 -15.61 -23.00 5.35
N GLU B 115 -16.60 -22.27 5.84
CA GLU B 115 -17.67 -21.76 5.00
C GLU B 115 -17.67 -20.25 5.12
N ILE B 116 -17.72 -19.57 3.98
CA ILE B 116 -17.74 -18.12 3.91
C ILE B 116 -18.98 -17.69 3.11
N LYS B 117 -19.75 -16.75 3.64
CA LYS B 117 -20.89 -16.19 2.94
C LYS B 117 -20.66 -14.70 2.74
N ALA B 118 -21.10 -14.17 1.60
CA ALA B 118 -20.75 -12.80 1.23
C ALA B 118 -21.85 -12.17 0.38
N VAL B 119 -22.02 -10.85 0.56
CA VAL B 119 -22.80 -10.01 -0.34
C VAL B 119 -22.19 -10.10 -1.73
N PRO B 120 -22.99 -10.00 -2.83
CA PRO B 120 -22.38 -10.12 -4.17
C PRO B 120 -21.39 -8.99 -4.45
N GLU B 121 -20.34 -9.31 -5.20
CA GLU B 121 -19.31 -8.31 -5.47
C GLU B 121 -19.88 -7.20 -6.35
N GLY B 122 -19.45 -5.98 -6.08
CA GLY B 122 -19.93 -4.79 -6.73
C GLY B 122 -21.12 -4.15 -6.07
N PHE B 123 -21.75 -4.85 -5.10
CA PHE B 123 -22.87 -4.31 -4.36
C PHE B 123 -22.43 -3.07 -3.58
N VAL B 124 -23.28 -2.05 -3.57
CA VAL B 124 -23.02 -0.79 -2.88
C VAL B 124 -23.83 -0.81 -1.58
N ILE B 125 -23.15 -0.94 -0.45
CA ILE B 125 -23.79 -1.27 0.83
C ILE B 125 -23.48 -0.14 1.81
N PRO B 126 -24.48 0.36 2.55
CA PRO B 126 -24.22 1.35 3.61
C PRO B 126 -23.33 0.81 4.71
N ARG B 127 -22.51 1.70 5.28
CA ARG B 127 -21.64 1.40 6.42
C ARG B 127 -22.40 0.66 7.51
N GLY B 128 -21.67 -0.17 8.26
CA GLY B 128 -22.22 -0.83 9.44
C GLY B 128 -23.01 -2.09 9.17
N ASN B 129 -22.86 -2.69 8.00
CA ASN B 129 -23.58 -3.90 7.61
C ASN B 129 -22.60 -5.07 7.43
N VAL B 130 -23.07 -6.26 7.81
CA VAL B 130 -22.29 -7.47 7.52
C VAL B 130 -22.08 -7.55 6.02
N LEU B 131 -20.80 -7.66 5.62
CA LEU B 131 -20.39 -7.91 4.23
C LEU B 131 -20.01 -9.36 3.97
N PHE B 132 -19.37 -10.03 4.95
CA PHE B 132 -19.18 -11.48 4.85
C PHE B 132 -18.99 -12.06 6.24
N THR B 133 -19.14 -13.39 6.32
CA THR B 133 -19.05 -14.16 7.55
C THR B 133 -18.20 -15.39 7.26
N VAL B 134 -17.53 -15.85 8.32
CA VAL B 134 -16.61 -16.98 8.28
C VAL B 134 -16.89 -17.86 9.49
N GLU B 135 -16.92 -19.17 9.26
CA GLU B 135 -17.12 -20.17 10.31
C GLU B 135 -16.49 -21.47 9.87
N ASN B 136 -15.99 -22.25 10.85
CA ASN B 136 -15.46 -23.57 10.59
C ASN B 136 -16.59 -24.58 10.40
N THR B 137 -16.40 -25.54 9.49
CA THR B 137 -17.38 -26.60 9.25
C THR B 137 -17.02 -27.92 9.89
N ASP B 138 -15.92 -27.99 10.65
CA ASP B 138 -15.50 -29.14 11.44
C ASP B 138 -15.22 -28.67 12.86
N PRO B 139 -15.83 -29.30 13.88
CA PRO B 139 -15.58 -28.86 15.27
C PRO B 139 -14.12 -28.88 15.68
N GLU B 140 -13.34 -29.80 15.11
CA GLU B 140 -11.89 -29.85 15.35
C GLU B 140 -11.17 -28.58 14.90
N CYS B 141 -11.72 -27.84 13.93
CA CYS B 141 -11.06 -26.67 13.36
C CYS B 141 -11.69 -25.36 13.83
N TYR B 142 -12.19 -25.34 15.07
CA TYR B 142 -12.66 -24.10 15.69
C TYR B 142 -11.62 -22.98 15.59
N TRP B 143 -10.31 -23.31 15.62
CA TRP B 143 -9.25 -22.30 15.59
C TRP B 143 -9.06 -21.71 14.19
N LEU B 144 -9.62 -22.34 13.14
CA LEU B 144 -9.26 -21.98 11.78
C LEU B 144 -9.93 -20.66 11.35
N THR B 145 -11.11 -20.36 11.88
CA THR B 145 -11.86 -19.16 11.46
C THR B 145 -11.00 -17.90 11.56
N ASN B 146 -10.37 -17.70 12.71
CA ASN B 146 -9.62 -16.46 12.89
C ASN B 146 -8.14 -16.60 12.53
N TRP B 147 -7.62 -17.81 12.34
CA TRP B 147 -6.34 -17.97 11.64
C TRP B 147 -6.31 -17.18 10.33
N ILE B 148 -7.38 -17.27 9.53
CA ILE B 148 -7.41 -16.66 8.21
C ILE B 148 -8.00 -15.25 8.26
N GLU B 149 -8.21 -14.72 9.47
CA GLU B 149 -8.64 -13.33 9.56
C GLU B 149 -7.69 -12.40 8.81
N THR B 150 -6.38 -12.61 8.95
CA THR B 150 -5.43 -11.62 8.46
C THR B 150 -5.46 -11.52 6.93
N ILE B 151 -5.47 -12.66 6.25
CA ILE B 151 -5.56 -12.70 4.80
C ILE B 151 -6.89 -12.11 4.33
N LEU B 152 -7.98 -12.41 5.03
CA LEU B 152 -9.29 -11.96 4.57
C LEU B 152 -9.48 -10.48 4.81
N VAL B 153 -8.87 -9.93 5.86
CA VAL B 153 -9.02 -8.50 6.17
C VAL B 153 -8.35 -7.62 5.12
N GLN B 154 -7.35 -8.13 4.39
CA GLN B 154 -6.72 -7.39 3.29
C GLN B 154 -7.70 -7.04 2.20
N SER B 155 -8.91 -7.58 2.24
CA SER B 155 -9.94 -7.15 1.30
C SER B 155 -10.32 -5.68 1.54
N TRP B 156 -9.97 -5.11 2.70
CA TRP B 156 -10.22 -3.67 2.90
C TRP B 156 -9.69 -2.86 1.72
N TYR B 157 -8.58 -3.29 1.14
CA TYR B 157 -7.88 -2.41 0.21
C TYR B 157 -8.64 -2.30 -1.10
N PRO B 158 -9.00 -3.40 -1.76
CA PRO B 158 -9.86 -3.27 -2.96
C PRO B 158 -11.22 -2.65 -2.65
N ILE B 159 -11.80 -2.94 -1.49
CA ILE B 159 -13.04 -2.26 -1.14
C ILE B 159 -12.82 -0.75 -1.06
N THR B 160 -11.74 -0.31 -0.39
CA THR B 160 -11.53 1.12 -0.18
C THR B 160 -11.17 1.82 -1.50
N VAL B 161 -10.35 1.18 -2.36
CA VAL B 161 -10.05 1.80 -3.65
C VAL B 161 -11.33 1.95 -4.47
N ALA B 162 -12.11 0.86 -4.59
CA ALA B 162 -13.34 0.93 -5.38
C ALA B 162 -14.30 1.97 -4.82
N THR B 163 -14.40 2.03 -3.51
CA THR B 163 -15.31 3.00 -2.90
C THR B 163 -14.84 4.42 -3.17
N ASN B 164 -13.57 4.72 -2.89
CA ASN B 164 -13.04 6.07 -3.08
C ASN B 164 -13.03 6.48 -4.56
N SER B 165 -12.75 5.54 -5.46
CA SER B 165 -12.84 5.77 -6.89
C SER B 165 -14.27 6.11 -7.32
N ARG B 166 -15.25 5.35 -6.80
CA ARG B 166 -16.65 5.62 -7.09
C ARG B 166 -17.11 6.96 -6.53
N GLU B 167 -16.61 7.37 -5.33
CA GLU B 167 -16.99 8.70 -4.83
C GLU B 167 -16.45 9.82 -5.72
N GLN B 168 -15.33 9.60 -6.43
CA GLN B 168 -14.86 10.67 -7.31
C GLN B 168 -15.68 10.68 -8.61
N LYS B 169 -16.09 9.52 -9.08
CA LYS B 169 -16.99 9.43 -10.23
C LYS B 169 -18.28 10.21 -9.96
N LYS B 170 -18.81 10.16 -8.72
CA LYS B 170 -20.05 10.85 -8.38
C LYS B 170 -19.88 12.35 -8.54
N ILE B 171 -18.73 12.87 -8.09
CA ILE B 171 -18.38 14.29 -8.28
C ILE B 171 -18.28 14.63 -9.77
N LEU B 172 -17.53 13.82 -10.51
CA LEU B 172 -17.35 14.09 -11.92
C LEU B 172 -18.66 14.05 -12.67
N ALA B 173 -19.50 13.08 -12.34
CA ALA B 173 -20.78 12.92 -12.99
C ALA B 173 -21.69 14.12 -12.76
N LYS B 174 -21.76 14.60 -11.52
CA LYS B 174 -22.62 15.74 -11.24
C LYS B 174 -22.19 17.00 -12.00
N TYR B 175 -20.90 17.29 -11.97
CA TYR B 175 -20.38 18.46 -12.68
C TYR B 175 -20.46 18.34 -14.19
N LEU B 176 -20.15 17.16 -14.72
CA LEU B 176 -20.20 16.93 -16.15
C LEU B 176 -21.63 17.08 -16.65
N LEU B 177 -22.57 16.54 -15.88
CA LEU B 177 -23.97 16.62 -16.25
C LEU B 177 -24.45 18.06 -16.25
N GLU B 178 -24.05 18.83 -15.23
CA GLU B 178 -24.46 20.23 -15.20
C GLU B 178 -23.86 21.04 -16.35
N THR B 179 -22.58 20.83 -16.60
CA THR B 179 -21.87 21.54 -17.67
C THR B 179 -22.24 21.18 -19.12
N SER B 180 -22.41 19.89 -19.41
CA SER B 180 -22.72 19.45 -20.77
C SER B 180 -24.11 18.90 -21.04
N GLY B 181 -24.89 18.66 -19.99
CA GLY B 181 -26.23 18.14 -20.16
C GLY B 181 -26.26 16.63 -20.36
N ASN B 182 -25.10 15.99 -20.22
CA ASN B 182 -25.00 14.54 -20.39
C ASN B 182 -23.80 13.93 -19.67
N LEU B 183 -23.66 12.62 -19.75
CA LEU B 183 -22.57 11.91 -19.10
C LEU B 183 -21.60 11.31 -20.11
N ASP B 184 -21.63 11.76 -21.38
CA ASP B 184 -20.73 11.24 -22.39
C ASP B 184 -19.28 11.44 -21.97
N GLY B 185 -18.52 10.35 -22.00
CA GLY B 185 -17.10 10.37 -21.68
C GLY B 185 -16.77 10.18 -20.22
N LEU B 186 -17.76 9.99 -19.34
CA LEU B 186 -17.50 10.01 -17.90
C LEU B 186 -16.48 8.95 -17.50
N GLU B 187 -16.52 7.78 -18.14
CA GLU B 187 -15.73 6.65 -17.68
C GLU B 187 -14.26 6.75 -18.07
N TYR B 188 -13.89 7.80 -18.82
CA TYR B 188 -12.49 8.11 -19.11
C TYR B 188 -12.00 9.33 -18.32
N LYS B 189 -12.78 9.88 -17.40
CA LYS B 189 -12.42 11.16 -16.77
C LYS B 189 -11.47 11.04 -15.57
N LEU B 190 -11.21 9.85 -15.05
CA LEU B 190 -10.27 9.69 -13.95
C LEU B 190 -9.42 8.48 -14.30
N HIS B 191 -8.15 8.74 -14.60
CA HIS B 191 -7.27 7.75 -15.18
C HIS B 191 -6.26 7.31 -14.12
N ASP B 192 -6.02 6.00 -14.04
CA ASP B 192 -5.13 5.44 -13.02
C ASP B 192 -3.66 5.52 -13.44
N PHE B 193 -2.86 6.34 -12.75
CA PHE B 193 -1.41 6.41 -13.00
C PHE B 193 -0.56 6.00 -11.78
N GLY B 194 -1.06 5.12 -10.93
CA GLY B 194 -0.44 4.86 -9.64
C GLY B 194 0.50 3.68 -9.57
N TYR B 195 0.88 3.10 -10.70
CA TYR B 195 1.74 1.91 -10.67
C TYR B 195 3.03 2.15 -9.88
N ARG B 196 3.72 3.27 -10.15
CA ARG B 196 4.99 3.47 -9.50
C ARG B 196 4.83 3.92 -8.06
N GLY B 197 3.65 4.41 -7.71
CA GLY B 197 3.38 5.07 -6.45
C GLY B 197 2.76 4.17 -5.40
N VAL B 198 2.57 2.89 -5.71
CA VAL B 198 2.03 1.95 -4.76
C VAL B 198 3.17 1.15 -4.15
N SER B 199 2.88 0.38 -3.10
CA SER B 199 3.93 -0.25 -2.36
C SER B 199 4.44 -1.55 -3.00
N SER B 200 3.80 -2.07 -4.05
CA SER B 200 4.31 -3.34 -4.59
C SER B 200 3.60 -3.69 -5.88
N GLN B 201 4.16 -4.69 -6.58
CA GLN B 201 3.56 -5.19 -7.81
C GLN B 201 2.19 -5.78 -7.56
N GLU B 202 2.05 -6.58 -6.49
CA GLU B 202 0.75 -7.17 -6.22
C GLU B 202 -0.30 -6.10 -5.91
N THR B 203 0.05 -5.14 -5.03
CA THR B 203 -0.87 -4.03 -4.76
C THR B 203 -1.28 -3.32 -6.05
N ALA B 204 -0.33 -3.11 -6.97
CA ALA B 204 -0.64 -2.40 -8.21
C ALA B 204 -1.78 -3.09 -8.96
N GLY B 205 -1.72 -4.40 -9.14
CA GLY B 205 -2.78 -5.08 -9.88
C GLY B 205 -4.12 -5.05 -9.16
N ILE B 206 -4.11 -5.28 -7.84
CA ILE B 206 -5.36 -5.27 -7.07
C ILE B 206 -5.99 -3.88 -7.12
N GLY B 207 -5.21 -2.85 -6.85
CA GLY B 207 -5.77 -1.51 -6.79
C GLY B 207 -6.25 -1.04 -8.16
N ALA B 208 -5.48 -1.32 -9.21
CA ALA B 208 -5.94 -0.92 -10.54
C ALA B 208 -7.22 -1.68 -10.94
N SER B 209 -7.35 -2.96 -10.57
CA SER B 209 -8.60 -3.65 -10.89
C SER B 209 -9.76 -2.99 -10.14
N ALA B 210 -9.53 -2.59 -8.88
CA ALA B 210 -10.56 -1.94 -8.08
C ALA B 210 -10.99 -0.61 -8.70
N HIS B 211 -10.05 0.15 -9.24
CA HIS B 211 -10.40 1.39 -9.94
C HIS B 211 -11.24 1.10 -11.19
N LEU B 212 -10.89 0.03 -11.93
CA LEU B 212 -11.58 -0.31 -13.16
C LEU B 212 -13.01 -0.77 -12.92
N VAL B 213 -13.42 -0.96 -11.65
CA VAL B 213 -14.82 -1.20 -11.35
C VAL B 213 -15.66 0.02 -11.72
N ASN B 214 -15.04 1.21 -11.78
CA ASN B 214 -15.77 2.46 -11.96
C ASN B 214 -15.45 3.17 -13.27
N PHE B 215 -14.24 2.97 -13.80
CA PHE B 215 -13.70 3.71 -14.95
C PHE B 215 -13.06 2.69 -15.90
N LYS B 216 -12.73 3.17 -17.08
CA LYS B 216 -12.12 2.38 -18.15
C LYS B 216 -10.62 2.63 -18.32
N GLY B 217 -10.07 3.68 -17.70
CA GLY B 217 -8.75 4.15 -18.00
C GLY B 217 -7.72 3.78 -16.93
N THR B 218 -6.69 3.05 -17.36
CA THR B 218 -5.59 2.69 -16.47
C THR B 218 -4.27 2.58 -17.26
N ASP B 219 -3.18 3.01 -16.63
CA ASP B 219 -1.85 2.76 -17.17
C ASP B 219 -1.11 1.67 -16.38
N THR B 220 -1.77 1.05 -15.41
CA THR B 220 -1.18 0.01 -14.55
C THR B 220 -1.59 -1.33 -15.16
N VAL B 221 -0.80 -1.81 -16.12
CA VAL B 221 -1.18 -2.97 -16.95
C VAL B 221 -1.54 -4.21 -16.12
N ALA B 222 -0.90 -4.39 -14.96
CA ALA B 222 -1.11 -5.54 -14.09
C ALA B 222 -2.57 -5.70 -13.68
N GLY B 223 -3.34 -4.62 -13.64
CA GLY B 223 -4.76 -4.72 -13.36
C GLY B 223 -5.50 -5.52 -14.42
N LEU B 224 -5.06 -5.45 -15.68
CA LEU B 224 -5.77 -6.15 -16.74
C LEU B 224 -5.70 -7.66 -16.56
N ALA B 225 -4.49 -8.19 -16.29
CA ALA B 225 -4.33 -9.63 -16.17
C ALA B 225 -5.04 -10.19 -14.94
N LEU B 226 -5.12 -9.40 -13.85
CA LEU B 226 -5.82 -9.84 -12.67
C LEU B 226 -7.31 -10.01 -12.94
N ILE B 227 -7.93 -9.02 -13.59
CA ILE B 227 -9.34 -9.13 -13.91
C ILE B 227 -9.60 -10.36 -14.78
N LYS B 228 -8.80 -10.50 -15.85
CA LYS B 228 -8.99 -11.61 -16.80
C LYS B 228 -8.87 -12.97 -16.10
N LYS B 229 -7.91 -13.13 -15.17
CA LYS B 229 -7.66 -14.40 -14.52
C LYS B 229 -8.69 -14.72 -13.43
N TYR B 230 -9.09 -13.70 -12.65
CA TYR B 230 -9.90 -13.89 -11.45
C TYR B 230 -11.36 -13.51 -11.61
N TYR B 231 -11.71 -12.69 -12.61
CA TYR B 231 -13.09 -12.24 -12.75
C TYR B 231 -13.63 -12.50 -14.15
N GLY B 232 -12.96 -11.98 -15.16
CA GLY B 232 -13.31 -12.13 -16.54
C GLY B 232 -14.24 -11.07 -17.09
N THR B 233 -14.09 -10.77 -18.37
CA THR B 233 -14.91 -9.79 -19.09
C THR B 233 -15.22 -10.24 -20.51
N LYS B 234 -16.33 -9.76 -21.04
CA LYS B 234 -16.72 -10.07 -22.42
C LYS B 234 -15.68 -9.48 -23.37
N ASP B 235 -15.22 -8.27 -23.07
CA ASP B 235 -14.20 -7.61 -23.86
C ASP B 235 -12.81 -8.23 -23.70
N PRO B 236 -11.95 -8.01 -24.69
CA PRO B 236 -10.58 -8.52 -24.66
C PRO B 236 -9.79 -7.96 -23.47
N VAL B 237 -9.98 -6.68 -23.17
CA VAL B 237 -9.34 -6.06 -22.00
C VAL B 237 -10.31 -5.14 -21.26
N PRO B 238 -10.20 -5.10 -19.94
CA PRO B 238 -11.04 -4.18 -19.14
C PRO B 238 -10.63 -2.72 -19.17
N GLY B 239 -9.40 -2.37 -19.59
CA GLY B 239 -8.92 -1.01 -19.49
C GLY B 239 -8.10 -0.56 -20.69
N TYR B 240 -8.03 0.75 -20.89
CA TYR B 240 -7.49 1.31 -22.11
C TYR B 240 -6.52 2.45 -21.80
N SER B 241 -5.75 2.84 -22.83
CA SER B 241 -4.74 3.88 -22.70
C SER B 241 -4.44 4.48 -24.07
N VAL B 242 -3.70 5.60 -24.04
CA VAL B 242 -3.24 6.30 -25.24
C VAL B 242 -1.79 6.70 -25.07
N PRO B 243 -1.12 7.00 -26.16
CA PRO B 243 0.25 7.49 -26.10
C PRO B 243 0.35 8.77 -25.28
N ALA B 244 1.42 8.87 -24.50
CA ALA B 244 1.65 10.05 -23.67
C ALA B 244 3.15 10.25 -23.51
N ALA B 245 3.58 11.51 -23.47
CA ALA B 245 4.97 11.82 -23.14
C ALA B 245 5.17 11.96 -21.63
N GLU B 246 6.42 11.81 -21.22
CA GLU B 246 6.88 12.10 -19.86
C GLU B 246 7.98 13.14 -19.94
N HIS B 247 8.40 13.64 -18.77
CA HIS B 247 9.43 14.66 -18.74
C HIS B 247 10.71 14.19 -19.43
N SER B 248 11.07 12.90 -19.27
CA SER B 248 12.27 12.40 -19.92
C SER B 248 12.18 12.52 -21.46
N THR B 249 11.00 12.29 -22.05
CA THR B 249 10.97 12.36 -23.53
C THR B 249 10.89 13.79 -24.07
N ILE B 250 10.51 14.76 -23.26
CA ILE B 250 10.64 16.16 -23.66
C ILE B 250 12.05 16.70 -23.34
N THR B 251 12.52 16.56 -22.10
CA THR B 251 13.75 17.23 -21.71
C THR B 251 14.96 16.62 -22.40
N ALA B 252 14.88 15.34 -22.81
CA ALA B 252 16.01 14.72 -23.50
C ALA B 252 16.45 15.51 -24.75
N TRP B 253 15.57 16.33 -25.33
CA TRP B 253 15.91 17.11 -26.52
C TRP B 253 16.70 18.39 -26.20
N GLY B 254 16.89 18.72 -24.93
CA GLY B 254 17.53 19.95 -24.47
C GLY B 254 16.55 21.08 -24.35
N LYS B 255 16.84 22.03 -23.43
CA LYS B 255 15.85 23.06 -23.10
C LYS B 255 15.47 23.89 -24.32
N ASP B 256 16.44 24.29 -25.12
CA ASP B 256 16.19 25.11 -26.29
C ASP B 256 15.42 24.40 -27.38
N HIS B 257 15.20 23.08 -27.27
CA HIS B 257 14.52 22.33 -28.32
C HIS B 257 13.18 21.73 -27.88
N GLU B 258 12.53 22.31 -26.87
CA GLU B 258 11.24 21.82 -26.44
C GLU B 258 10.25 21.77 -27.62
N LYS B 259 10.27 22.78 -28.50
CA LYS B 259 9.38 22.81 -29.66
C LYS B 259 9.63 21.62 -30.58
N ASP B 260 10.90 21.28 -30.82
CA ASP B 260 11.21 20.11 -31.66
C ASP B 260 10.66 18.83 -31.05
N ALA B 261 10.76 18.70 -29.71
CA ALA B 261 10.20 17.53 -29.03
C ALA B 261 8.72 17.42 -29.32
N PHE B 262 7.97 18.51 -29.06
CA PHE B 262 6.52 18.56 -29.28
C PHE B 262 6.17 18.16 -30.71
N GLU B 263 6.85 18.77 -31.70
CA GLU B 263 6.53 18.49 -33.10
C GLU B 263 6.76 17.02 -33.44
N HIS B 264 7.89 16.47 -32.98
CA HIS B 264 8.21 15.06 -33.24
C HIS B 264 7.16 14.14 -32.64
N ILE B 265 6.75 14.40 -31.40
CA ILE B 265 5.80 13.50 -30.73
C ILE B 265 4.42 13.58 -31.39
N VAL B 266 3.90 14.77 -31.63
CA VAL B 266 2.58 14.87 -32.25
C VAL B 266 2.58 14.24 -33.66
N THR B 267 3.65 14.42 -34.42
CA THR B 267 3.78 13.84 -35.74
C THR B 267 3.86 12.31 -35.70
N GLN B 268 4.55 11.78 -34.70
CA GLN B 268 4.65 10.33 -34.52
C GLN B 268 3.27 9.70 -34.22
N PHE B 269 2.40 10.44 -33.54
CA PHE B 269 1.10 9.94 -33.17
C PHE B 269 0.06 10.91 -33.69
N SER B 270 0.16 11.16 -34.99
CA SER B 270 -0.74 12.05 -35.70
C SER B 270 -2.19 11.57 -35.77
N SER B 271 -2.38 10.26 -35.90
CA SER B 271 -3.71 9.69 -36.04
C SER B 271 -4.38 9.10 -34.80
N VAL B 272 -3.76 9.23 -33.65
CA VAL B 272 -4.34 8.75 -32.39
C VAL B 272 -4.21 9.85 -31.36
N PRO B 273 -5.02 9.78 -30.30
CA PRO B 273 -4.93 10.81 -29.27
C PRO B 273 -3.57 10.76 -28.58
N VAL B 274 -2.98 11.91 -28.34
CA VAL B 274 -1.70 11.96 -27.68
C VAL B 274 -1.66 12.97 -26.54
N SER B 275 -1.14 12.55 -25.41
CA SER B 275 -0.95 13.44 -24.27
C SER B 275 0.50 13.95 -24.24
N VAL B 276 0.70 15.26 -24.05
CA VAL B 276 2.05 15.82 -24.06
C VAL B 276 2.20 16.72 -22.82
N VAL B 277 3.01 16.25 -21.86
CA VAL B 277 3.36 17.06 -20.70
C VAL B 277 4.08 18.32 -21.18
N SER B 278 3.66 19.47 -20.68
CA SER B 278 4.06 20.75 -21.26
C SER B 278 4.60 21.71 -20.22
N ASP B 279 4.93 21.24 -19.02
CA ASP B 279 5.42 22.12 -17.97
C ASP B 279 6.91 21.92 -17.68
N SER B 280 7.63 21.19 -18.54
CA SER B 280 9.06 20.97 -18.31
C SER B 280 9.79 22.23 -17.88
N TYR B 281 9.53 23.36 -18.56
CA TYR B 281 10.19 24.62 -18.30
C TYR B 281 9.21 25.74 -18.02
N ASP B 282 8.17 25.90 -18.84
CA ASP B 282 7.22 27.00 -18.66
C ASP B 282 5.90 26.59 -19.31
N ILE B 283 4.98 26.04 -18.50
CA ILE B 283 3.67 25.60 -19.01
C ILE B 283 2.99 26.72 -19.79
N TYR B 284 3.01 27.94 -19.25
CA TYR B 284 2.28 29.05 -19.85
C TYR B 284 2.92 29.47 -21.17
N ASN B 285 4.25 29.50 -21.25
CA ASN B 285 4.89 29.79 -22.53
C ASN B 285 4.59 28.68 -23.54
N ALA B 286 4.56 27.42 -23.09
CA ALA B 286 4.36 26.33 -24.05
C ALA B 286 2.95 26.36 -24.64
N CYS B 287 1.92 26.66 -23.81
CA CYS B 287 0.57 26.73 -24.33
C CYS B 287 0.40 27.92 -25.26
N GLU B 288 0.88 29.08 -24.84
CA GLU B 288 0.65 30.29 -25.61
C GLU B 288 1.54 30.37 -26.86
N LYS B 289 2.85 30.11 -26.73
CA LYS B 289 3.74 30.38 -27.85
C LYS B 289 4.10 29.14 -28.65
N ILE B 290 4.17 27.96 -28.05
CA ILE B 290 4.56 26.78 -28.81
C ILE B 290 3.31 26.12 -29.39
N TRP B 291 2.38 25.66 -28.53
CA TRP B 291 1.15 25.07 -29.04
C TRP B 291 0.29 26.11 -29.75
N GLY B 292 0.17 27.30 -29.16
CA GLY B 292 -0.76 28.30 -29.64
C GLY B 292 -0.30 29.09 -30.85
N GLU B 293 0.98 29.01 -31.18
CA GLU B 293 1.53 29.78 -32.30
C GLU B 293 2.41 28.91 -33.21
N ASP B 294 3.63 28.56 -32.74
CA ASP B 294 4.60 27.85 -33.58
C ASP B 294 4.05 26.55 -34.16
N LEU B 295 3.29 25.79 -33.37
CA LEU B 295 2.84 24.47 -33.79
C LEU B 295 1.33 24.41 -33.97
N ARG B 296 0.64 25.56 -33.91
CA ARG B 296 -0.82 25.58 -34.03
C ARG B 296 -1.29 24.86 -35.30
N HIS B 297 -0.56 25.00 -36.41
CA HIS B 297 -1.00 24.38 -37.65
C HIS B 297 -1.03 22.85 -37.55
N LEU B 298 -0.17 22.26 -36.72
CA LEU B 298 -0.20 20.81 -36.50
C LEU B 298 -1.29 20.37 -35.54
N ILE B 299 -1.88 21.30 -34.78
CA ILE B 299 -2.95 20.94 -33.86
C ILE B 299 -4.31 21.05 -34.53
N VAL B 300 -4.56 22.16 -35.26
CA VAL B 300 -5.90 22.37 -35.81
C VAL B 300 -6.20 21.48 -37.00
N SER B 301 -5.22 20.72 -37.47
CA SER B 301 -5.42 19.75 -38.54
C SER B 301 -5.81 18.38 -38.04
N ARG B 302 -5.69 18.14 -36.74
CA ARG B 302 -6.00 16.86 -36.10
C ARG B 302 -7.47 16.48 -36.07
N SER B 303 -7.68 15.20 -36.24
CA SER B 303 -8.98 14.60 -36.23
C SER B 303 -9.59 14.60 -34.86
N THR B 304 -10.90 14.56 -34.84
CA THR B 304 -11.73 14.51 -33.64
C THR B 304 -11.45 13.26 -32.81
N GLN B 305 -11.16 12.16 -33.48
CA GLN B 305 -10.75 10.93 -32.89
C GLN B 305 -9.32 10.96 -32.33
N ALA B 306 -8.50 11.93 -32.73
CA ALA B 306 -7.12 12.00 -32.26
C ALA B 306 -6.72 13.38 -31.75
N PRO B 307 -7.30 13.80 -30.64
CA PRO B 307 -6.95 15.12 -30.12
C PRO B 307 -5.59 15.17 -29.44
N LEU B 308 -5.08 16.38 -29.30
CA LEU B 308 -3.88 16.60 -28.56
C LEU B 308 -4.35 16.86 -27.13
N ILE B 309 -3.78 16.14 -26.18
CA ILE B 309 -4.16 16.40 -24.81
C ILE B 309 -2.98 17.09 -24.14
N ILE B 310 -3.21 18.31 -23.69
CA ILE B 310 -2.19 19.11 -23.04
C ILE B 310 -2.17 18.80 -21.55
N ARG B 311 -1.00 18.47 -21.04
CA ARG B 311 -0.91 18.15 -19.63
C ARG B 311 0.04 19.03 -18.83
N PRO B 312 -0.52 19.75 -17.85
CA PRO B 312 0.27 20.57 -16.92
C PRO B 312 0.58 19.66 -15.74
N ASP B 313 1.81 19.69 -15.23
CA ASP B 313 2.20 18.84 -14.11
C ASP B 313 2.69 19.59 -12.85
N SER B 314 2.44 20.89 -12.75
CA SER B 314 2.94 21.66 -11.60
C SER B 314 2.17 22.92 -11.24
N GLY B 315 2.42 23.42 -10.03
CA GLY B 315 1.80 24.62 -9.52
C GLY B 315 0.48 24.29 -8.87
N ASN B 316 -0.27 25.30 -8.47
CA ASN B 316 -1.56 25.04 -7.86
C ASN B 316 -2.42 24.37 -8.91
N PRO B 317 -3.04 23.25 -8.55
CA PRO B 317 -3.82 22.52 -9.54
C PRO B 317 -4.97 23.31 -10.13
N LEU B 318 -5.77 23.98 -9.32
CA LEU B 318 -6.85 24.78 -9.87
C LEU B 318 -6.39 26.00 -10.66
N ASP B 319 -5.44 26.73 -10.10
CA ASP B 319 -4.96 27.95 -10.74
C ASP B 319 -4.32 27.63 -12.08
N THR B 320 -3.54 26.56 -12.12
CA THR B 320 -2.89 26.16 -13.35
C THR B 320 -3.89 25.74 -14.42
N VAL B 321 -4.90 24.97 -14.05
CA VAL B 321 -5.88 24.53 -15.05
C VAL B 321 -6.62 25.73 -15.64
N LEU B 322 -7.07 26.66 -14.80
CA LEU B 322 -7.78 27.85 -15.26
C LEU B 322 -6.91 28.70 -16.19
N LYS B 323 -5.65 28.99 -15.80
CA LYS B 323 -4.81 29.82 -16.66
C LYS B 323 -4.47 29.08 -17.95
N VAL B 324 -4.18 27.78 -17.89
CA VAL B 324 -4.00 27.02 -19.11
C VAL B 324 -5.21 27.18 -20.03
N LEU B 325 -6.43 27.02 -19.48
CA LEU B 325 -7.63 27.09 -20.31
C LEU B 325 -7.83 28.49 -20.90
N GLU B 326 -7.63 29.55 -20.09
CA GLU B 326 -7.78 30.90 -20.63
CA GLU B 326 -7.74 30.92 -20.59
C GLU B 326 -6.78 31.15 -21.75
N ILE B 327 -5.57 30.60 -21.64
CA ILE B 327 -4.59 30.78 -22.71
C ILE B 327 -5.08 30.11 -24.00
N LEU B 328 -5.51 28.84 -23.88
CA LEU B 328 -5.97 28.11 -25.06
C LEU B 328 -7.24 28.71 -25.67
N GLY B 329 -8.12 29.26 -24.84
CA GLY B 329 -9.30 29.94 -25.36
C GLY B 329 -8.97 31.18 -26.16
N LYS B 330 -7.80 31.78 -25.94
CA LYS B 330 -7.38 32.94 -26.71
C LYS B 330 -6.62 32.56 -27.98
N LYS B 331 -6.02 31.38 -28.04
CA LYS B 331 -5.33 30.98 -29.25
C LYS B 331 -6.16 30.04 -30.13
N PHE B 332 -7.29 29.52 -29.63
CA PHE B 332 -8.03 28.49 -30.35
C PHE B 332 -9.52 28.84 -30.37
N PRO B 333 -10.25 28.38 -31.38
CA PRO B 333 -11.68 28.70 -31.45
C PRO B 333 -12.50 27.96 -30.40
N VAL B 334 -13.04 28.71 -29.46
CA VAL B 334 -13.90 28.18 -28.40
C VAL B 334 -15.35 28.31 -28.83
N THR B 335 -16.15 27.29 -28.54
CA THR B 335 -17.59 27.38 -28.73
C THR B 335 -18.29 27.47 -27.37
N GLU B 336 -19.59 27.66 -27.42
CA GLU B 336 -20.42 27.64 -26.22
C GLU B 336 -21.42 26.53 -26.42
N ASN B 337 -21.54 25.65 -25.43
CA ASN B 337 -22.41 24.50 -25.62
C ASN B 337 -23.84 24.86 -25.21
N SER B 338 -24.76 23.90 -25.35
CA SER B 338 -26.17 24.20 -25.12
C SER B 338 -26.49 24.52 -23.67
N LYS B 339 -25.53 24.45 -22.76
CA LYS B 339 -25.77 24.85 -21.39
C LYS B 339 -25.10 26.16 -21.09
N GLY B 340 -24.42 26.76 -22.06
CA GLY B 340 -23.71 28.00 -21.83
C GLY B 340 -22.28 27.85 -21.37
N TYR B 341 -21.69 26.67 -21.45
CA TYR B 341 -20.31 26.50 -21.00
C TYR B 341 -19.37 26.42 -22.19
N LYS B 342 -18.16 26.96 -21.98
CA LYS B 342 -17.15 27.08 -23.01
C LYS B 342 -16.52 25.73 -23.30
N LEU B 343 -16.28 25.47 -24.58
CA LEU B 343 -15.82 24.17 -25.07
C LEU B 343 -14.67 24.39 -26.05
N LEU B 344 -13.51 23.79 -25.77
CA LEU B 344 -12.40 23.75 -26.71
C LEU B 344 -12.80 23.04 -28.00
N PRO B 345 -12.07 23.27 -29.09
CA PRO B 345 -12.33 22.52 -30.33
C PRO B 345 -12.11 21.04 -30.12
N PRO B 346 -12.74 20.19 -30.94
CA PRO B 346 -12.66 18.75 -30.72
C PRO B 346 -11.26 18.16 -30.77
N TYR B 347 -10.30 18.83 -31.38
CA TYR B 347 -8.93 18.33 -31.45
C TYR B 347 -8.08 18.72 -30.22
N LEU B 348 -8.68 19.34 -29.20
CA LEU B 348 -7.87 19.88 -28.10
C LEU B 348 -8.53 19.61 -26.76
N ARG B 349 -7.81 18.89 -25.88
CA ARG B 349 -8.26 18.61 -24.52
C ARG B 349 -7.13 18.85 -23.53
N VAL B 350 -7.46 18.83 -22.23
CA VAL B 350 -6.51 19.03 -21.15
C VAL B 350 -6.62 17.85 -20.19
N ILE B 351 -5.49 17.45 -19.61
CA ILE B 351 -5.51 16.46 -18.53
C ILE B 351 -4.66 16.97 -17.38
N GLN B 352 -5.22 16.92 -16.17
CA GLN B 352 -4.54 17.35 -14.96
C GLN B 352 -4.22 16.14 -14.11
N GLY B 353 -2.94 15.79 -14.07
CA GLY B 353 -2.45 14.63 -13.36
C GLY B 353 -1.63 14.89 -12.12
N ASP B 354 -1.51 16.15 -11.68
CA ASP B 354 -0.67 16.48 -10.54
C ASP B 354 -1.54 16.91 -9.36
N GLY B 355 -1.31 16.31 -8.20
CA GLY B 355 -2.05 16.71 -7.00
C GLY B 355 -3.54 16.40 -6.98
N VAL B 356 -3.98 15.34 -7.65
CA VAL B 356 -5.41 15.01 -7.74
C VAL B 356 -5.72 13.92 -6.72
N ASP B 357 -6.55 14.25 -5.74
CA ASP B 357 -7.22 13.28 -4.90
C ASP B 357 -8.66 13.72 -4.77
N ILE B 358 -9.45 12.99 -3.97
CA ILE B 358 -10.88 13.27 -4.00
C ILE B 358 -11.16 14.71 -3.58
N ASN B 359 -10.30 15.30 -2.74
CA ASN B 359 -10.55 16.67 -2.27
C ASN B 359 -10.25 17.72 -3.34
N THR B 360 -9.10 17.60 -3.98
CA THR B 360 -8.76 18.61 -4.95
C THR B 360 -9.52 18.41 -6.27
N LEU B 361 -9.91 17.15 -6.57
CA LEU B 361 -10.75 16.93 -7.76
C LEU B 361 -12.00 17.79 -7.71
N GLN B 362 -12.62 17.87 -6.53
CA GLN B 362 -13.83 18.66 -6.34
C GLN B 362 -13.57 20.16 -6.48
N GLU B 363 -12.48 20.66 -5.90
CA GLU B 363 -12.16 22.09 -6.04
C GLU B 363 -11.95 22.49 -7.50
N ILE B 364 -11.39 21.59 -8.32
CA ILE B 364 -11.08 21.96 -9.70
C ILE B 364 -12.34 22.06 -10.54
N VAL B 365 -13.19 21.03 -10.50
CA VAL B 365 -14.37 21.09 -11.36
C VAL B 365 -15.26 22.22 -10.91
N GLU B 366 -15.28 22.50 -9.58
CA GLU B 366 -16.10 23.60 -9.08
C GLU B 366 -15.56 24.94 -9.58
N GLY B 367 -14.25 25.13 -9.51
CA GLY B 367 -13.67 26.36 -10.01
C GLY B 367 -13.80 26.51 -11.52
N MET B 368 -13.67 25.40 -12.25
CA MET B 368 -13.96 25.41 -13.69
C MET B 368 -15.39 25.87 -13.96
N LYS B 369 -16.36 25.29 -13.24
CA LYS B 369 -17.75 25.65 -13.42
C LYS B 369 -17.99 27.14 -13.15
N GLN B 370 -17.39 27.67 -12.08
CA GLN B 370 -17.53 29.10 -11.79
C GLN B 370 -16.96 29.97 -12.90
N LYS B 371 -15.95 29.48 -13.62
CA LYS B 371 -15.42 30.24 -14.74
C LYS B 371 -16.07 29.86 -16.07
N MET B 372 -17.15 29.07 -16.05
CA MET B 372 -17.94 28.82 -17.27
C MET B 372 -17.26 27.86 -18.25
N TRP B 373 -16.37 26.99 -17.78
CA TRP B 373 -15.70 25.98 -18.59
C TRP B 373 -16.39 24.64 -18.39
N SER B 374 -16.83 24.01 -19.47
CA SER B 374 -17.44 22.71 -19.31
C SER B 374 -16.40 21.69 -18.80
N ILE B 375 -16.87 20.70 -18.03
CA ILE B 375 -16.01 19.58 -17.64
C ILE B 375 -15.67 18.66 -18.81
N GLU B 376 -16.36 18.81 -19.96
CA GLU B 376 -15.95 18.14 -21.21
C GLU B 376 -14.49 18.42 -21.55
N ASN B 377 -13.98 19.58 -21.15
CA ASN B 377 -12.66 19.98 -21.60
C ASN B 377 -11.55 19.19 -20.93
N ILE B 378 -11.82 18.45 -19.85
CA ILE B 378 -10.77 18.01 -18.95
C ILE B 378 -10.98 16.56 -18.55
N ALA B 379 -9.86 15.88 -18.29
CA ALA B 379 -9.81 14.63 -17.56
C ALA B 379 -8.76 14.77 -16.46
N PHE B 380 -8.75 13.80 -15.53
CA PHE B 380 -7.80 13.79 -14.44
C PHE B 380 -7.05 12.48 -14.44
N GLY B 381 -5.78 12.55 -14.06
CA GLY B 381 -5.00 11.40 -13.71
C GLY B 381 -4.78 11.45 -12.21
N SER B 382 -4.66 10.28 -11.59
CA SER B 382 -4.31 10.20 -10.17
C SER B 382 -3.46 8.97 -9.96
N GLY B 383 -2.47 9.07 -9.07
CA GLY B 383 -1.61 7.94 -8.81
C GLY B 383 -1.64 7.50 -7.35
N GLY B 384 -0.69 7.99 -6.55
CA GLY B 384 -0.71 7.73 -5.12
C GLY B 384 -2.03 8.12 -4.48
N GLY B 385 -2.64 9.23 -4.93
CA GLY B 385 -3.93 9.62 -4.40
C GLY B 385 -5.01 8.56 -4.62
N LEU B 386 -4.95 7.88 -5.77
CA LEU B 386 -5.96 6.89 -6.10
C LEU B 386 -5.70 5.55 -5.39
N LEU B 387 -4.47 5.08 -5.44
CA LEU B 387 -4.10 3.76 -4.92
C LEU B 387 -3.24 3.59 -3.67
N GLN B 388 -2.55 4.62 -3.21
CA GLN B 388 -1.70 4.45 -2.05
C GLN B 388 -2.12 5.19 -0.79
N LYS B 389 -2.71 6.36 -0.94
CA LYS B 389 -3.11 7.15 0.21
C LYS B 389 -4.47 6.78 0.79
N LEU B 390 -4.58 5.54 1.27
CA LEU B 390 -5.78 5.00 1.83
C LEU B 390 -5.35 4.04 2.90
N THR B 391 -6.14 3.93 3.95
CA THR B 391 -5.84 3.02 5.03
C THR B 391 -7.12 2.29 5.44
N ARG B 392 -6.92 1.22 6.19
CA ARG B 392 -8.04 0.47 6.73
C ARG B 392 -8.89 1.33 7.65
N ASP B 393 -8.37 2.48 8.08
CA ASP B 393 -9.09 3.37 8.96
C ASP B 393 -10.16 4.20 8.25
N LEU B 394 -10.03 4.41 6.93
CA LEU B 394 -10.94 5.32 6.24
C LEU B 394 -12.38 4.77 6.26
N LEU B 395 -12.58 3.46 6.11
CA LEU B 395 -13.95 2.91 6.22
C LEU B 395 -14.16 2.04 7.47
N ASN B 396 -13.20 2.05 8.39
CA ASN B 396 -13.20 1.16 9.55
C ASN B 396 -13.58 -0.30 9.17
N CYS B 397 -12.79 -0.89 8.27
CA CYS B 397 -12.96 -2.30 7.93
C CYS B 397 -12.46 -3.17 9.09
N SER B 398 -13.28 -4.09 9.55
CA SER B 398 -13.03 -4.75 10.81
C SER B 398 -13.64 -6.16 10.80
N PHE B 399 -12.91 -7.11 11.38
CA PHE B 399 -13.28 -8.52 11.41
C PHE B 399 -13.34 -8.93 12.88
N LYS B 400 -14.46 -9.54 13.28
CA LYS B 400 -14.71 -9.80 14.69
C LYS B 400 -15.49 -11.09 14.87
N CYS B 401 -15.24 -11.76 16.00
CA CYS B 401 -16.04 -12.92 16.37
C CYS B 401 -17.36 -12.44 16.95
N SER B 402 -18.48 -13.00 16.48
CA SER B 402 -19.80 -12.66 17.04
C SER B 402 -20.58 -13.83 17.63
N TYR B 403 -20.11 -15.07 17.48
CA TYR B 403 -20.87 -16.25 17.89
C TYR B 403 -19.89 -17.40 18.05
N VAL B 404 -19.98 -18.14 19.16
CA VAL B 404 -19.22 -19.37 19.38
C VAL B 404 -20.17 -20.41 19.95
N VAL B 405 -19.84 -21.68 19.74
CA VAL B 405 -20.50 -22.78 20.45
C VAL B 405 -19.44 -23.49 21.29
N THR B 406 -19.74 -23.66 22.58
CA THR B 406 -18.87 -24.32 23.56
C THR B 406 -19.74 -25.26 24.42
N ASN B 407 -19.28 -26.49 24.60
CA ASN B 407 -20.08 -27.52 25.28
C ASN B 407 -21.49 -27.59 24.68
N GLY B 408 -21.58 -27.47 23.37
CA GLY B 408 -22.87 -27.59 22.71
C GLY B 408 -23.79 -26.39 22.86
N LEU B 409 -23.42 -25.38 23.61
CA LEU B 409 -24.25 -24.19 23.76
C LEU B 409 -23.72 -23.06 22.87
N GLY B 410 -24.60 -22.51 22.03
CA GLY B 410 -24.29 -21.28 21.34
C GLY B 410 -24.35 -20.08 22.26
N ILE B 411 -23.50 -19.09 21.97
CA ILE B 411 -23.26 -17.91 22.82
C ILE B 411 -23.05 -16.71 21.88
N ASN B 412 -23.76 -15.61 22.12
CA ASN B 412 -23.56 -14.40 21.33
C ASN B 412 -22.38 -13.63 21.92
N VAL B 413 -21.34 -13.41 21.12
CA VAL B 413 -20.15 -12.71 21.61
C VAL B 413 -19.89 -11.39 20.90
N PHE B 414 -19.38 -10.43 21.68
CA PHE B 414 -19.12 -9.09 21.18
C PHE B 414 -18.09 -8.36 22.04
N LYS B 415 -17.57 -7.26 21.51
CA LYS B 415 -16.63 -6.42 22.22
C LYS B 415 -17.31 -5.08 22.41
N ASP B 416 -17.29 -4.56 23.64
CA ASP B 416 -17.93 -3.28 23.93
C ASP B 416 -17.03 -2.38 24.78
N PRO B 417 -15.98 -1.79 24.18
CA PRO B 417 -15.08 -0.96 24.99
C PRO B 417 -15.80 0.26 25.59
N VAL B 418 -15.55 0.52 26.87
CA VAL B 418 -16.19 1.62 27.57
C VAL B 418 -15.83 2.99 27.00
N ALA B 419 -14.55 3.18 26.68
CA ALA B 419 -14.07 4.44 26.13
C ALA B 419 -14.62 4.75 24.75
N ASP B 420 -14.77 3.73 23.91
CA ASP B 420 -15.28 3.96 22.57
C ASP B 420 -16.48 3.11 22.13
N PRO B 421 -17.64 3.75 22.00
CA PRO B 421 -18.92 3.20 21.54
C PRO B 421 -18.85 2.74 20.08
N ASN B 422 -18.03 3.44 19.29
CA ASN B 422 -17.82 3.14 17.88
C ASN B 422 -17.22 1.75 17.63
N LYS B 423 -16.40 1.27 18.57
CA LYS B 423 -15.76 -0.04 18.47
C LYS B 423 -16.64 -1.22 18.90
N ARG B 424 -17.86 -0.93 19.35
CA ARG B 424 -18.77 -1.98 19.74
C ARG B 424 -19.06 -2.86 18.53
N SER B 425 -19.11 -4.18 18.75
CA SER B 425 -19.32 -5.13 17.66
C SER B 425 -20.65 -5.87 17.75
N LYS B 426 -21.10 -6.39 16.61
CA LYS B 426 -22.37 -7.11 16.49
C LYS B 426 -22.40 -8.45 17.22
N LYS B 427 -23.60 -8.86 17.63
CA LYS B 427 -23.79 -10.09 18.40
C LYS B 427 -24.52 -11.23 17.72
N GLY B 428 -23.97 -12.43 17.85
CA GLY B 428 -24.59 -13.63 17.33
C GLY B 428 -24.54 -13.85 15.83
N ARG B 429 -25.37 -14.77 15.36
CA ARG B 429 -25.46 -15.07 13.94
C ARG B 429 -26.05 -13.86 13.25
N LEU B 430 -25.52 -13.51 12.09
CA LEU B 430 -25.95 -12.32 11.38
C LEU B 430 -26.47 -12.61 9.98
N SER B 431 -27.28 -11.69 9.48
CA SER B 431 -27.81 -11.84 8.12
C SER B 431 -28.13 -10.45 7.61
N LEU B 432 -28.05 -10.31 6.29
CA LEU B 432 -28.27 -9.05 5.60
C LEU B 432 -29.63 -9.09 4.88
N HIS B 433 -30.45 -8.09 5.10
CA HIS B 433 -31.78 -8.06 4.51
C HIS B 433 -32.18 -6.74 3.92
N ARG B 434 -33.17 -6.80 3.05
CA ARG B 434 -33.73 -5.63 2.43
C ARG B 434 -34.92 -5.24 3.26
N THR B 435 -34.99 -3.96 3.62
CA THR B 435 -36.10 -3.43 4.39
C THR B 435 -37.29 -3.16 3.47
N PRO B 436 -38.46 -2.84 4.05
CA PRO B 436 -39.69 -2.53 3.30
C PRO B 436 -39.50 -1.32 2.38
N ALA B 437 -38.71 -0.33 2.81
CA ALA B 437 -38.39 0.86 2.02
C ALA B 437 -37.26 0.65 0.98
N GLY B 438 -36.71 -0.55 0.92
CA GLY B 438 -35.64 -0.88 -0.02
C GLY B 438 -34.22 -0.73 0.50
N ASN B 439 -34.11 -0.37 1.77
CA ASN B 439 -32.82 -0.22 2.43
C ASN B 439 -32.26 -1.54 2.99
N PHE B 440 -31.01 -1.52 3.44
CA PHE B 440 -30.34 -2.67 4.00
C PHE B 440 -30.46 -2.64 5.51
N VAL B 441 -30.49 -3.82 6.11
CA VAL B 441 -30.36 -3.96 7.55
C VAL B 441 -29.66 -5.27 7.82
N THR B 442 -28.76 -5.25 8.81
CA THR B 442 -28.09 -6.42 9.33
C THR B 442 -28.83 -6.87 10.58
N LEU B 443 -29.35 -8.09 10.57
CA LEU B 443 -30.04 -8.61 11.73
C LEU B 443 -29.07 -9.43 12.57
N GLU B 444 -29.16 -9.26 13.89
CA GLU B 444 -28.26 -9.88 14.85
C GLU B 444 -28.99 -11.00 15.61
N GLU B 445 -28.19 -11.76 16.36
CA GLU B 445 -28.67 -12.76 17.31
C GLU B 445 -29.56 -13.81 16.64
N GLY B 446 -29.27 -14.16 15.37
CA GLY B 446 -30.05 -15.16 14.70
C GLY B 446 -31.43 -14.71 14.24
N LYS B 447 -31.80 -13.45 14.47
CA LYS B 447 -33.17 -13.00 14.22
C LYS B 447 -33.58 -13.10 12.75
N GLY B 448 -32.64 -13.15 11.80
CA GLY B 448 -32.99 -13.45 10.43
C GLY B 448 -33.84 -14.71 10.29
N ASP B 449 -33.66 -15.68 11.20
CA ASP B 449 -34.37 -16.96 11.14
C ASP B 449 -35.89 -16.79 11.32
N LEU B 450 -36.33 -15.70 11.96
CA LEU B 450 -37.74 -15.39 12.08
C LEU B 450 -38.41 -15.09 10.73
N GLU B 451 -37.66 -14.66 9.72
CA GLU B 451 -38.18 -14.48 8.35
C GLU B 451 -39.13 -13.30 8.23
N GLU B 452 -38.95 -12.26 9.06
CA GLU B 452 -39.77 -11.05 9.01
C GLU B 452 -39.28 -10.04 7.99
N TYR B 453 -38.10 -10.27 7.40
CA TYR B 453 -37.42 -9.38 6.47
C TYR B 453 -36.97 -10.15 5.23
N GLY B 454 -37.68 -11.19 4.87
CA GLY B 454 -37.28 -11.89 3.69
C GLY B 454 -35.97 -12.65 3.87
N GLN B 455 -35.40 -13.02 2.74
CA GLN B 455 -34.27 -13.94 2.74
C GLN B 455 -32.95 -13.19 2.88
N ASP B 456 -32.00 -13.87 3.50
CA ASP B 456 -30.62 -13.39 3.65
C ASP B 456 -30.00 -13.09 2.28
N LEU B 457 -29.46 -11.87 2.12
CA LEU B 457 -28.78 -11.55 0.88
C LEU B 457 -27.33 -12.03 0.78
N LEU B 458 -26.73 -12.62 1.84
CA LEU B 458 -25.43 -13.23 1.69
C LEU B 458 -25.59 -14.57 0.99
N HIS B 459 -24.60 -14.92 0.17
CA HIS B 459 -24.49 -16.22 -0.47
C HIS B 459 -23.22 -16.94 -0.01
N THR B 460 -23.29 -18.27 0.05
CA THR B 460 -22.08 -19.06 0.26
C THR B 460 -21.19 -18.88 -0.96
N VAL B 461 -20.03 -18.27 -0.76
CA VAL B 461 -19.04 -18.16 -1.82
C VAL B 461 -17.89 -19.14 -1.67
N PHE B 462 -17.74 -19.77 -0.50
CA PHE B 462 -16.64 -20.69 -0.26
C PHE B 462 -17.09 -21.73 0.73
N LYS B 463 -16.74 -22.99 0.48
CA LYS B 463 -17.06 -24.05 1.44
C LYS B 463 -16.10 -25.20 1.24
N ASN B 464 -15.38 -25.55 2.30
CA ASN B 464 -14.58 -26.77 2.33
C ASN B 464 -13.63 -26.84 1.14
N GLY B 465 -12.87 -25.75 0.96
CA GLY B 465 -11.87 -25.70 -0.06
C GLY B 465 -12.34 -25.38 -1.47
N LYS B 466 -13.65 -25.17 -1.68
CA LYS B 466 -14.14 -24.84 -3.02
C LYS B 466 -14.80 -23.46 -3.04
N VAL B 467 -14.59 -22.74 -4.14
CA VAL B 467 -15.34 -21.53 -4.45
C VAL B 467 -16.69 -21.95 -5.01
N THR B 468 -17.78 -21.50 -4.38
CA THR B 468 -19.10 -22.02 -4.70
C THR B 468 -20.00 -21.06 -5.44
N LYS B 469 -19.60 -19.79 -5.54
CA LYS B 469 -20.32 -18.79 -6.31
C LYS B 469 -19.32 -17.69 -6.65
N SER B 470 -19.46 -17.09 -7.83
CA SER B 470 -18.47 -16.14 -8.33
C SER B 470 -19.13 -15.17 -9.31
N TYR B 471 -18.44 -14.06 -9.58
CA TYR B 471 -19.01 -13.00 -10.39
C TYR B 471 -18.02 -12.58 -11.46
N SER B 472 -18.52 -12.33 -12.65
CA SER B 472 -17.69 -11.74 -13.67
C SER B 472 -17.49 -10.26 -13.40
N PHE B 473 -16.40 -9.71 -13.95
CA PHE B 473 -16.14 -8.29 -13.78
C PHE B 473 -17.28 -7.45 -14.40
N ASP B 474 -17.95 -7.97 -15.43
CA ASP B 474 -19.09 -7.25 -16.00
C ASP B 474 -20.25 -7.16 -15.00
N GLU B 475 -20.56 -8.25 -14.30
CA GLU B 475 -21.59 -8.20 -13.26
C GLU B 475 -21.22 -7.19 -12.17
N ILE B 476 -19.96 -7.19 -11.75
CA ILE B 476 -19.53 -6.30 -10.67
C ILE B 476 -19.68 -4.85 -11.10
N ARG B 477 -19.29 -4.52 -12.36
CA ARG B 477 -19.47 -3.16 -12.87
C ARG B 477 -20.93 -2.74 -12.85
N LYS B 478 -21.84 -3.60 -13.33
CA LYS B 478 -23.27 -3.27 -13.26
C LYS B 478 -23.73 -3.04 -11.84
N ASN B 479 -23.29 -3.87 -10.91
CA ASN B 479 -23.72 -3.71 -9.53
C ASN B 479 -23.23 -2.38 -8.94
N ALA B 480 -22.10 -1.87 -9.41
CA ALA B 480 -21.44 -0.73 -8.78
C ALA B 480 -21.83 0.62 -9.42
N GLN B 481 -22.76 0.60 -10.38
CA GLN B 481 -23.15 1.80 -11.11
C GLN B 481 -23.71 2.87 -10.18
N LEU B 482 -23.59 4.11 -10.60
CA LEU B 482 -24.11 5.22 -9.82
C LEU B 482 -25.60 5.35 -10.08
N ASN B 483 -26.31 6.02 -9.18
CA ASN B 483 -27.74 6.24 -9.34
C ASN B 483 -28.01 7.09 -10.57
N ILE B 484 -27.18 8.10 -10.79
CA ILE B 484 -27.34 9.00 -11.93
C ILE B 484 -27.22 8.23 -13.25
N GLU B 485 -26.28 7.30 -13.33
CA GLU B 485 -26.10 6.51 -14.55
C GLU B 485 -27.34 5.66 -14.83
N LEU B 486 -27.90 5.06 -13.78
CA LEU B 486 -29.09 4.24 -13.91
C LEU B 486 -30.26 5.11 -14.39
N GLU B 487 -30.34 6.30 -13.81
CA GLU B 487 -31.38 7.27 -14.16
C GLU B 487 -31.24 7.70 -15.61
N ALA B 488 -30.00 7.91 -16.06
CA ALA B 488 -29.77 8.32 -17.44
C ALA B 488 -30.23 7.23 -18.40
N ALA B 489 -29.92 5.98 -18.07
CA ALA B 489 -30.32 4.85 -18.90
C ALA B 489 -31.83 4.73 -18.96
N HIS B 490 -32.47 4.96 -17.81
CA HIS B 490 -33.92 4.88 -17.69
C HIS B 490 -34.56 6.17 -18.18
PB A12 C . -10.34 -3.00 14.67
O1B A12 C . -11.60 -2.57 15.55
O2B A12 C . -10.70 -4.04 13.70
O3B A12 C . -9.79 -1.73 13.88
PA A12 C . -7.82 -4.65 14.97
O1A A12 C . -7.29 -5.75 16.00
O2A A12 C . -8.31 -5.26 13.72
C3A A12 C . -9.04 -3.59 15.78
O5' A12 C . -6.61 -3.68 14.61
C5' A12 C . -5.30 -4.15 14.34
C4' A12 C . -4.35 -3.09 14.88
O4' A12 C . -4.45 -3.10 16.31
C3' A12 C . -2.91 -3.40 14.52
O3' A12 C . -2.46 -2.63 13.40
C2' A12 C . -2.13 -3.07 15.78
O2' A12 C . -1.58 -1.76 15.76
C1' A12 C . -3.16 -3.18 16.89
N9 A12 C . -2.95 -4.53 17.41
C8 A12 C . -3.57 -5.64 16.97
N7 A12 C . -3.13 -6.73 17.64
C5 A12 C . -2.20 -6.33 18.51
C6 A12 C . -1.33 -6.97 19.52
N6 A12 C . -1.38 -8.30 19.74
N1 A12 C . -0.49 -6.17 20.21
C2 A12 C . -0.44 -4.85 20.01
N3 A12 C . -1.19 -4.20 19.11
C4 A12 C . -2.07 -4.87 18.35
O10 QCT D . 12.72 -6.73 27.57
C23 QCT D . 11.51 -7.02 26.94
C22 QCT D . 11.79 -7.72 25.51
O9 QCT D . 12.68 -8.74 25.71
C24 QCT D . 10.60 -7.86 27.88
O11 QCT D . 10.08 -7.06 28.89
C25 QCT D . 9.46 -8.14 26.95
C26 QCT D . 8.38 -8.97 27.48
O8 QCT D . 9.72 -8.80 25.68
C21 QCT D . 10.50 -8.22 24.80
O7 QCT D . 9.75 -7.18 24.09
C3 QCT D . 8.44 -7.20 23.73
C4 QCT D . 8.21 -8.06 22.51
O2 QCT D . 9.14 -8.66 22.04
C2 QCT D . 7.44 -6.38 24.17
C11 QCT D . 7.53 -5.33 25.29
C12 QCT D . 8.68 -4.62 25.68
C13 QCT D . 8.73 -3.64 26.70
O5 QCT D . 9.83 -3.02 27.05
C14 QCT D . 7.50 -3.30 27.43
O6 QCT D . 7.53 -2.36 28.39
C15 QCT D . 6.35 -4.01 27.00
C16 QCT D . 6.38 -4.95 25.98
O1 QCT D . 6.12 -6.52 23.62
C9 QCT D . 5.78 -7.45 22.65
C8 QCT D . 4.44 -7.68 22.24
C7 QCT D . 4.10 -8.63 21.26
O4 QCT D . 2.80 -8.85 20.88
C6 QCT D . 5.16 -9.40 20.68
C5 QCT D . 6.51 -9.21 21.08
C10 QCT D . 6.80 -8.22 22.06
O3 QCT D . 7.59 -9.87 20.59
H101 QCT D . 13.14 -6.11 27.14
H23 QCT D . 10.98 -6.24 26.74
H22 QCT D . 12.14 -7.03 24.92
HO91 QCT D . 13.37 -8.68 25.21
H24 QCT D . 11.06 -8.63 28.27
HO11 QCT D . 10.04 -6.26 28.67
H25 QCT D . 9.16 -7.23 26.83
H262 QCT D . 8.55 -9.91 27.39
H263 QCT D . 7.53 -8.81 27.04
H261 QCT D . 8.23 -8.81 28.43
H21 QCT D . 10.75 -8.87 24.11
H12 QCT D . 9.50 -4.80 25.26
HO51 QCT D . 9.68 -2.27 27.40
HO61 QCT D . 6.75 -2.12 28.65
H15 QCT D . 5.58 -3.78 27.47
H16 QCT D . 5.58 -5.34 25.76
H8 QCT D . 3.71 -7.22 22.59
HO4 QCT D . 2.56 -9.64 20.73
H6 QCT D . 4.97 -10.04 20.02
HO3 QCT D . 7.47 -10.69 20.40
PB A12 E . 7.62 13.17 -9.66
O1B A12 E . 9.12 12.64 -9.58
O2B A12 E . 7.51 14.52 -9.10
O3B A12 E . 6.65 12.22 -8.82
PA A12 E . 6.20 11.60 -11.70
O1A A12 E . 6.92 10.49 -11.06
O2A A12 E . 6.13 11.39 -13.28
C3A A12 E . 7.02 13.17 -11.37
O5' A12 E . 4.72 11.64 -11.09
C5' A12 E . 3.83 10.56 -11.24
C4' A12 E . 2.44 11.12 -11.03
O4' A12 E . 2.23 12.16 -11.98
C3' A12 E . 1.34 10.09 -11.27
O3' A12 E . 0.86 9.53 -10.05
C2' A12 E . 0.25 10.86 -11.99
O2' A12 E . -0.70 11.39 -11.07
C1' A12 E . 1.00 12.01 -12.64
N9 A12 E . 1.26 11.52 -14.01
C8 A12 E . 2.34 10.86 -14.41
N7 A12 E . 2.26 10.54 -15.72
C5 A12 E . 1.09 11.01 -16.18
C6 A12 E . 0.37 11.02 -17.46
N6 A12 E . 0.90 10.46 -18.57
N1 A12 E . -0.83 11.61 -17.50
C2 A12 E . -1.38 12.18 -16.42
N3 A12 E . -0.79 12.21 -15.21
C4 A12 E . 0.42 11.64 -15.04
O10 QCT F . -13.62 10.40 -25.54
C23 QCT F . -12.43 10.51 -24.88
C22 QCT F . -12.04 9.10 -24.31
O9 QCT F . -12.32 8.13 -25.22
C24 QCT F . -11.35 11.09 -25.87
O11 QCT F . -11.53 12.45 -25.99
C25 QCT F . -9.92 10.85 -25.30
C26 QCT F . -8.89 11.34 -26.34
O8 QCT F . -9.74 9.56 -24.92
C21 QCT F . -10.52 9.03 -23.93
O7 QCT F . -10.17 9.61 -22.68
C3 QCT F . -8.91 9.83 -22.21
C4 QCT F . -8.02 8.56 -22.14
O2 QCT F . -8.45 7.51 -22.47
C2 QCT F . -8.40 11.03 -21.87
C11 QCT F . -9.19 12.43 -21.83
C12 QCT F . -10.57 12.62 -21.71
C13 QCT F . -11.25 13.87 -21.67
O5 QCT F . -12.55 14.00 -21.56
C14 QCT F . -10.46 15.09 -21.76
O6 QCT F . -11.06 16.25 -21.72
C15 QCT F . -9.08 14.88 -21.87
C16 QCT F . -8.49 13.64 -21.91
O1 QCT F . -7.06 11.08 -21.45
C9 QCT F . -6.17 10.00 -21.38
C8 QCT F . -4.82 10.15 -20.98
C7 QCT F . -3.93 9.06 -20.91
O4 QCT F . -2.67 9.19 -20.55
C6 QCT F . -4.42 7.77 -21.25
C5 QCT F . -5.74 7.59 -21.64
C10 QCT F . -6.62 8.73 -21.69
O3 QCT F . -6.23 6.41 -21.96
H101 QCT F . -13.94 9.62 -25.49
H23 QCT F . -12.49 11.12 -24.13
H22 QCT F . -12.55 8.98 -23.50
HO91 QCT F . -11.94 7.40 -25.04
H24 QCT F . -11.42 10.62 -26.71
HO11 QCT F . -11.49 12.85 -25.24
H25 QCT F . -9.75 11.39 -24.51
H262 QCT F . -8.88 10.83 -27.16
H263 QCT F . -8.96 12.26 -26.63
H261 QCT F . -7.98 11.28 -26.01
H21 QCT F . -10.29 8.10 -23.84
H12 QCT F . -11.13 11.88 -21.65
HO51 QCT F . -13.00 13.33 -21.85
HO61 QCT F . -11.16 16.61 -22.49
H15 QCT F . -8.58 15.67 -21.92
H16 QCT F . -7.57 13.62 -21.98
H8 QCT F . -4.43 10.96 -20.74
HO4 QCT F . -2.44 8.91 -19.77
H6 QCT F . -3.86 7.03 -21.21
HO3 QCT F . -5.78 5.73 -21.72
#